data_9FHD
#
_entry.id   9FHD
#
_cell.length_a   82.964
_cell.length_b   86.345
_cell.length_c   136.907
_cell.angle_alpha   90
_cell.angle_beta   90
_cell.angle_gamma   90
#
_symmetry.space_group_name_H-M   'P 21 21 21'
#
loop_
_entity.id
_entity.type
_entity.pdbx_description
1 polymer Ketohexokinase
2 non-polymer 'SULFATE ION'
3 non-polymer '(2~{S})-3-[3-[[4-[bis(fluoranyl)methyl]-3-cyano-6-[(3~{S})-3-(dimethylamino)pyrrolidin-1-yl]pyridin-2-yl]amino]-4-methylsulfanyl-phenyl]-2-methyl-propanoic acid'
4 water water
#
_entity_poly.entity_id   1
_entity_poly.type   'polypeptide(L)'
_entity_poly.pdbx_seq_one_letter_code
;MGSSHHHHHHSSGLVPRGSQILCVGLVVLDVISLVDKYPKEDSEIRCLSQRWQRGGNASNSCTVLSLLGAPCAFMGSMAP
GHVADFLVADFRRRGVDVSQVAWQSKGDTPSSCCIINNSNGNRTIVLHDTSLPDVSATDFEKVDLTQFKWIHIEGRNASE
QVKMLQRIDAHNTRQPPEQKIRVSVEVEKPREELFQLFGYGDVVFVSKDVAKHLGFQSAEEALRGLYGRVRKGAVLVCAW
AEEGADALGPDGKLLHSDAFPPPRVVDTLGAGDTFNASVIFSLSQGRSVQEALRFGCQVAGKKCGLQGFDGIV
;
_entity_poly.pdbx_strand_id   A,B
#
loop_
_chem_comp.id
_chem_comp.type
_chem_comp.name
_chem_comp.formula
A1ICK non-polymer '(2~{S})-3-[3-[[4-[bis(fluoranyl)methyl]-3-cyano-6-[(3~{S})-3-(dimethylamino)pyrrolidin-1-yl]pyridin-2-yl]amino]-4-methylsulfanyl-phenyl]-2-methyl-propanoic acid' 'C24 H29 F2 N5 O2 S'
SO4 non-polymer 'SULFATE ION' 'O4 S -2'
#
# COMPACT_ATOMS: atom_id res chain seq x y z
N PRO A 16 -2.85 -33.83 17.90
CA PRO A 16 -2.79 -35.28 17.65
C PRO A 16 -1.73 -35.65 16.61
N ARG A 17 -1.13 -36.83 16.77
CA ARG A 17 -0.08 -37.32 15.87
C ARG A 17 -0.57 -37.41 14.42
N GLY A 18 0.26 -36.96 13.49
CA GLY A 18 0.00 -37.03 12.06
C GLY A 18 -1.31 -36.42 11.60
N SER A 19 -1.73 -35.32 12.21
CA SER A 19 -3.00 -34.67 11.89
C SER A 19 -2.88 -33.38 11.07
N GLN A 20 -1.74 -32.67 11.16
CA GLN A 20 -1.58 -31.36 10.50
C GLN A 20 -0.83 -31.36 9.18
N ILE A 21 -1.08 -30.34 8.37
CA ILE A 21 -0.34 -30.10 7.14
C ILE A 21 0.50 -28.86 7.44
N LEU A 22 1.82 -28.93 7.27
CA LEU A 22 2.71 -27.78 7.53
C LEU A 22 3.10 -27.16 6.20
N CYS A 23 3.06 -25.82 6.10
CA CYS A 23 3.52 -25.11 4.91
C CYS A 23 4.67 -24.23 5.38
N VAL A 24 5.83 -24.37 4.74
CA VAL A 24 7.03 -23.61 5.06
C VAL A 24 7.25 -22.62 3.93
N GLY A 25 7.39 -21.34 4.26
CA GLY A 25 7.61 -20.33 3.25
C GLY A 25 7.44 -18.92 3.76
N LEU A 26 7.01 -18.04 2.87
CA LEU A 26 6.88 -16.63 3.19
C LEU A 26 5.49 -16.22 3.67
N VAL A 27 5.46 -15.16 4.49
CA VAL A 27 4.24 -14.46 4.87
C VAL A 27 4.58 -12.98 4.57
N VAL A 28 3.75 -12.35 3.74
CA VAL A 28 3.96 -11.00 3.21
C VAL A 28 2.64 -10.24 3.35
N LEU A 29 2.71 -8.94 3.59
CA LEU A 29 1.51 -8.13 3.62
C LEU A 29 1.23 -7.71 2.18
N ASP A 30 0.06 -8.05 1.62
CA ASP A 30 -0.29 -7.59 0.28
C ASP A 30 -1.20 -6.39 0.43
N VAL A 31 -0.75 -5.23 -0.05
CA VAL A 31 -1.52 -4.00 -0.03
C VAL A 31 -2.11 -3.92 -1.43
N ILE A 32 -3.40 -4.21 -1.53
CA ILE A 32 -4.09 -4.37 -2.78
C ILE A 32 -4.87 -3.13 -3.20
N SER A 33 -4.77 -2.82 -4.50
CA SER A 33 -5.57 -1.83 -5.16
C SER A 33 -6.30 -2.58 -6.28
N LEU A 34 -7.63 -2.51 -6.28
CA LEU A 34 -8.43 -3.13 -7.33
C LEU A 34 -8.72 -2.01 -8.34
N VAL A 35 -8.39 -2.21 -9.61
CA VAL A 35 -8.52 -1.18 -10.65
C VAL A 35 -9.38 -1.67 -11.84
N ASP A 36 -9.98 -0.76 -12.59
CA ASP A 36 -10.75 -1.06 -13.81
C ASP A 36 -9.83 -1.51 -14.94
N LYS A 37 -8.61 -0.96 -15.00
CA LYS A 37 -7.65 -1.27 -16.05
C LYS A 37 -6.23 -1.01 -15.54
N TYR A 38 -5.26 -1.71 -16.09
CA TYR A 38 -3.87 -1.56 -15.65
C TYR A 38 -3.36 -0.18 -16.09
N PRO A 39 -2.73 0.62 -15.21
CA PRO A 39 -2.26 1.95 -15.66
C PRO A 39 -1.14 1.89 -16.67
N LYS A 40 -1.19 2.77 -17.66
CA LYS A 40 -0.09 2.95 -18.62
C LYS A 40 1.01 3.70 -17.81
N GLU A 41 2.30 3.47 -18.13
CA GLU A 41 3.40 4.13 -17.43
C GLU A 41 3.27 5.66 -17.49
N ASP A 42 3.57 6.34 -16.38
CA ASP A 42 3.52 7.80 -16.25
C ASP A 42 2.09 8.39 -16.19
N SER A 43 1.06 7.56 -15.96
CA SER A 43 -0.32 8.04 -15.86
C SER A 43 -0.83 7.94 -14.40
N GLU A 44 -1.98 8.54 -14.12
CA GLU A 44 -2.62 8.47 -12.82
C GLU A 44 -4.00 7.87 -13.07
N ILE A 45 -4.36 6.83 -12.31
CA ILE A 45 -5.70 6.22 -12.35
C ILE A 45 -6.20 6.11 -10.90
N ARG A 46 -7.50 6.00 -10.71
CA ARG A 46 -8.07 5.85 -9.37
C ARG A 46 -8.51 4.43 -9.19
N CYS A 47 -8.20 3.82 -8.03
CA CYS A 47 -8.64 2.47 -7.77
C CYS A 47 -10.12 2.44 -7.35
N LEU A 48 -10.75 1.31 -7.59
CA LEU A 48 -12.15 1.06 -7.25
C LEU A 48 -12.27 0.78 -5.75
N SER A 49 -11.28 0.05 -5.18
CA SER A 49 -11.27 -0.32 -3.79
C SER A 49 -9.86 -0.75 -3.35
N GLN A 50 -9.62 -0.74 -2.04
CA GLN A 50 -8.34 -1.05 -1.42
C GLN A 50 -8.55 -2.11 -0.34
N ARG A 51 -7.53 -2.93 -0.07
CA ARG A 51 -7.59 -3.84 1.06
C ARG A 51 -6.19 -4.32 1.43
N TRP A 52 -6.05 -4.82 2.65
CA TRP A 52 -4.86 -5.50 3.11
C TRP A 52 -5.22 -6.98 3.12
N GLN A 53 -4.30 -7.81 2.67
CA GLN A 53 -4.48 -9.24 2.69
C GLN A 53 -3.20 -9.87 3.18
N ARG A 54 -3.33 -10.93 3.97
CA ARG A 54 -2.16 -11.69 4.39
C ARG A 54 -1.83 -12.55 3.16
N GLY A 55 -0.62 -12.39 2.64
CA GLY A 55 -0.14 -13.07 1.46
C GLY A 55 1.11 -13.88 1.74
N GLY A 56 1.86 -14.17 0.68
CA GLY A 56 2.98 -15.08 0.72
C GLY A 56 2.46 -16.43 0.26
N ASN A 57 3.20 -17.15 -0.59
CA ASN A 57 2.71 -18.41 -1.16
C ASN A 57 2.31 -19.47 -0.11
N ALA A 58 3.23 -19.82 0.82
CA ALA A 58 2.93 -20.79 1.87
C ALA A 58 1.80 -20.30 2.77
N SER A 59 1.80 -19.00 3.08
CA SER A 59 0.75 -18.39 3.90
C SER A 59 -0.63 -18.50 3.21
N ASN A 60 -0.74 -18.17 1.91
CA ASN A 60 -2.00 -18.30 1.16
C ASN A 60 -2.44 -19.75 1.15
N SER A 61 -1.50 -20.70 0.97
CA SER A 61 -1.86 -22.12 0.96
C SER A 61 -2.45 -22.56 2.33
N CYS A 62 -1.94 -22.01 3.45
CA CYS A 62 -2.52 -22.29 4.78
C CYS A 62 -3.96 -21.77 4.88
N THR A 63 -4.25 -20.56 4.33
CA THR A 63 -5.61 -19.99 4.30
C THR A 63 -6.55 -20.97 3.60
N VAL A 64 -6.13 -21.49 2.43
CA VAL A 64 -6.98 -22.38 1.66
C VAL A 64 -7.15 -23.72 2.38
N LEU A 65 -6.06 -24.27 2.96
CA LEU A 65 -6.17 -25.53 3.72
C LEU A 65 -7.16 -25.39 4.89
N SER A 66 -7.11 -24.27 5.64
CA SER A 66 -8.03 -24.08 6.76
C SER A 66 -9.48 -23.93 6.25
N LEU A 67 -9.69 -23.24 5.13
CA LEU A 67 -11.04 -23.13 4.54
C LEU A 67 -11.55 -24.50 4.07
N LEU A 68 -10.66 -25.38 3.59
CA LEU A 68 -11.04 -26.74 3.19
C LEU A 68 -11.32 -27.69 4.40
N GLY A 69 -11.01 -27.25 5.62
CA GLY A 69 -11.25 -27.99 6.86
C GLY A 69 -10.06 -28.80 7.34
N ALA A 70 -8.85 -28.53 6.82
CA ALA A 70 -7.67 -29.28 7.21
C ALA A 70 -6.91 -28.58 8.33
N PRO A 71 -6.58 -29.23 9.47
CA PRO A 71 -5.71 -28.58 10.48
C PRO A 71 -4.35 -28.28 9.82
N CYS A 72 -3.89 -27.04 9.92
CA CYS A 72 -2.65 -26.67 9.26
C CYS A 72 -1.81 -25.72 10.08
N ALA A 73 -0.53 -25.68 9.77
CA ALA A 73 0.46 -24.88 10.48
C ALA A 73 1.33 -24.16 9.48
N PHE A 74 1.77 -22.96 9.83
CA PHE A 74 2.65 -22.16 9.00
C PHE A 74 4.00 -22.06 9.70
N MET A 75 5.08 -22.17 8.92
CA MET A 75 6.42 -21.94 9.43
C MET A 75 7.07 -20.97 8.46
N GLY A 76 7.47 -19.83 8.98
CA GLY A 76 8.11 -18.77 8.22
C GLY A 76 8.69 -17.71 9.14
N SER A 77 9.51 -16.80 8.58
CA SER A 77 10.10 -15.74 9.38
C SER A 77 9.17 -14.55 9.45
N MET A 78 9.10 -13.95 10.63
CA MET A 78 8.30 -12.75 10.90
C MET A 78 9.09 -11.85 11.86
N ALA A 79 8.89 -10.54 11.79
CA ALA A 79 9.55 -9.60 12.69
C ALA A 79 8.49 -8.96 13.58
N PRO A 80 8.68 -8.84 14.91
CA PRO A 80 7.66 -8.14 15.72
C PRO A 80 7.36 -6.72 15.21
N GLY A 81 6.12 -6.29 15.38
CA GLY A 81 5.67 -4.99 14.92
C GLY A 81 4.18 -5.00 14.57
N HIS A 82 3.64 -3.85 14.19
CA HIS A 82 2.21 -3.73 13.89
C HIS A 82 1.76 -4.49 12.63
N VAL A 83 2.62 -4.60 11.61
CA VAL A 83 2.27 -5.36 10.40
C VAL A 83 2.21 -6.86 10.78
N ALA A 84 3.18 -7.36 11.57
CA ALA A 84 3.13 -8.75 12.03
C ALA A 84 1.90 -8.99 12.90
N ASP A 85 1.47 -8.01 13.72
CA ASP A 85 0.26 -8.15 14.53
C ASP A 85 -0.97 -8.37 13.63
N PHE A 86 -1.10 -7.63 12.53
CA PHE A 86 -2.19 -7.82 11.56
C PHE A 86 -2.13 -9.25 10.98
N LEU A 87 -0.93 -9.68 10.56
CA LEU A 87 -0.74 -11.00 9.93
C LEU A 87 -1.03 -12.14 10.90
N VAL A 88 -0.55 -12.02 12.16
CA VAL A 88 -0.77 -13.05 13.18
C VAL A 88 -2.25 -13.13 13.49
N ALA A 89 -2.94 -11.98 13.66
CA ALA A 89 -4.37 -11.99 13.95
C ALA A 89 -5.15 -12.62 12.79
N ASP A 90 -4.71 -12.39 11.54
CA ASP A 90 -5.37 -12.99 10.37
C ASP A 90 -5.14 -14.51 10.33
N PHE A 91 -3.90 -14.99 10.61
CA PHE A 91 -3.62 -16.43 10.68
C PHE A 91 -4.51 -17.09 11.76
N ARG A 92 -4.60 -16.47 12.96
CA ARG A 92 -5.40 -17.01 14.07
C ARG A 92 -6.89 -16.99 13.76
N ARG A 93 -7.38 -15.95 13.07
CA ARG A 93 -8.77 -15.88 12.63
C ARG A 93 -9.13 -17.08 11.71
N ARG A 94 -8.16 -17.58 10.92
CA ARG A 94 -8.36 -18.75 10.07
C ARG A 94 -7.95 -20.09 10.79
N GLY A 95 -7.63 -20.05 12.08
CA GLY A 95 -7.22 -21.23 12.84
C GLY A 95 -5.91 -21.84 12.40
N VAL A 96 -5.02 -21.03 11.77
CA VAL A 96 -3.72 -21.53 11.33
C VAL A 96 -2.79 -21.50 12.54
N ASP A 97 -2.12 -22.63 12.81
CA ASP A 97 -1.19 -22.78 13.93
C ASP A 97 0.09 -22.01 13.57
N VAL A 98 0.46 -21.02 14.40
CA VAL A 98 1.66 -20.18 14.19
C VAL A 98 2.74 -20.44 15.25
N SER A 99 2.67 -21.57 15.99
CA SER A 99 3.67 -21.88 17.02
C SER A 99 5.08 -22.15 16.45
N GLN A 100 5.22 -22.51 15.15
CA GLN A 100 6.54 -22.76 14.54
C GLN A 100 7.12 -21.52 13.84
N VAL A 101 6.51 -20.32 13.97
CA VAL A 101 7.04 -19.11 13.32
C VAL A 101 8.43 -18.76 13.91
N ALA A 102 9.39 -18.46 13.02
CA ALA A 102 10.75 -18.05 13.42
C ALA A 102 10.78 -16.54 13.59
N TRP A 103 10.55 -16.04 14.81
CA TRP A 103 10.54 -14.60 15.08
C TRP A 103 11.97 -14.05 15.03
N GLN A 104 12.18 -13.00 14.23
CA GLN A 104 13.49 -12.40 13.99
C GLN A 104 13.63 -11.08 14.72
N SER A 105 14.81 -10.79 15.27
CA SER A 105 15.08 -9.51 15.94
C SER A 105 15.54 -8.41 14.94
N LYS A 106 15.95 -8.79 13.70
CA LYS A 106 16.38 -7.82 12.68
C LYS A 106 15.58 -8.01 11.37
N GLY A 107 15.41 -6.92 10.63
CA GLY A 107 14.68 -6.92 9.37
C GLY A 107 13.23 -6.50 9.53
N ASP A 108 12.64 -6.01 8.44
CA ASP A 108 11.25 -5.54 8.38
C ASP A 108 10.33 -6.63 7.81
N THR A 109 9.02 -6.53 8.08
CA THR A 109 8.06 -7.47 7.52
C THR A 109 7.97 -7.22 6.00
N PRO A 110 8.17 -8.23 5.11
CA PRO A 110 8.00 -7.95 3.68
C PRO A 110 6.57 -7.52 3.34
N SER A 111 6.44 -6.62 2.37
CA SER A 111 5.14 -6.12 1.92
C SER A 111 5.17 -5.95 0.39
N SER A 112 4.02 -6.11 -0.25
CA SER A 112 3.89 -5.99 -1.69
C SER A 112 2.79 -5.05 -2.04
N CYS A 113 2.95 -4.30 -3.12
CA CYS A 113 1.87 -3.52 -3.70
C CYS A 113 1.32 -4.39 -4.82
N CYS A 114 0.04 -4.77 -4.71
CA CYS A 114 -0.61 -5.66 -5.66
C CYS A 114 -1.69 -4.88 -6.38
N ILE A 115 -1.59 -4.79 -7.71
CA ILE A 115 -2.59 -4.11 -8.53
C ILE A 115 -3.39 -5.23 -9.19
N ILE A 116 -4.69 -5.33 -8.90
CA ILE A 116 -5.54 -6.36 -9.47
C ILE A 116 -6.47 -5.70 -10.44
N ASN A 117 -6.50 -6.19 -11.68
CA ASN A 117 -7.37 -5.66 -12.72
C ASN A 117 -8.71 -6.38 -12.58
N ASN A 118 -9.75 -5.65 -12.20
CA ASN A 118 -11.08 -6.22 -11.98
C ASN A 118 -11.74 -6.77 -13.26
N SER A 119 -11.30 -6.30 -14.45
CA SER A 119 -11.86 -6.73 -15.72
C SER A 119 -11.35 -8.11 -16.18
N ASN A 120 -10.20 -8.61 -15.67
CA ASN A 120 -9.70 -9.93 -16.08
C ASN A 120 -8.94 -10.71 -14.98
N GLY A 121 -8.92 -10.20 -13.76
CA GLY A 121 -8.23 -10.85 -12.66
C GLY A 121 -6.71 -10.81 -12.71
N ASN A 122 -6.09 -10.15 -13.74
CA ASN A 122 -4.61 -10.06 -13.80
C ASN A 122 -4.10 -9.39 -12.52
N ARG A 123 -3.02 -9.90 -11.96
CA ARG A 123 -2.47 -9.41 -10.72
C ARG A 123 -1.02 -9.05 -10.94
N THR A 124 -0.64 -7.81 -10.63
CA THR A 124 0.72 -7.33 -10.83
C THR A 124 1.24 -7.06 -9.43
N ILE A 125 2.35 -7.69 -9.05
CA ILE A 125 2.90 -7.57 -7.70
C ILE A 125 4.26 -6.93 -7.72
N VAL A 126 4.46 -5.91 -6.87
CA VAL A 126 5.75 -5.24 -6.71
C VAL A 126 6.12 -5.57 -5.28
N LEU A 127 6.96 -6.60 -5.10
CA LEU A 127 7.35 -7.08 -3.78
C LEU A 127 8.51 -6.29 -3.20
N HIS A 128 8.41 -5.93 -1.92
CA HIS A 128 9.50 -5.31 -1.19
C HIS A 128 10.04 -6.42 -0.32
N ASP A 129 11.07 -7.11 -0.82
CA ASP A 129 11.68 -8.20 -0.08
C ASP A 129 12.66 -7.54 0.87
N THR A 130 12.50 -7.73 2.16
CA THR A 130 13.35 -7.10 3.17
C THR A 130 14.52 -8.03 3.54
N SER A 131 15.51 -7.50 4.28
CA SER A 131 16.63 -8.30 4.76
C SER A 131 16.20 -9.14 6.00
N LEU A 132 14.96 -9.67 6.04
CA LEU A 132 14.49 -10.50 7.13
C LEU A 132 15.12 -11.88 6.93
N PRO A 133 15.91 -12.44 7.90
CA PRO A 133 16.52 -13.77 7.64
C PRO A 133 15.50 -14.85 7.34
N ASP A 134 15.84 -15.75 6.41
CA ASP A 134 14.97 -16.85 6.04
C ASP A 134 14.97 -17.93 7.12
N VAL A 135 13.99 -18.87 7.07
CA VAL A 135 13.94 -20.00 7.99
C VAL A 135 15.14 -20.88 7.65
N SER A 136 15.98 -21.19 8.65
CA SER A 136 17.18 -21.99 8.42
C SER A 136 16.96 -23.48 8.72
N ALA A 137 17.93 -24.32 8.32
CA ALA A 137 17.89 -25.75 8.63
C ALA A 137 17.96 -25.95 10.15
N THR A 138 18.67 -25.06 10.90
CA THR A 138 18.75 -25.14 12.36
C THR A 138 17.38 -24.84 12.99
N ASP A 139 16.64 -23.87 12.43
CA ASP A 139 15.27 -23.57 12.90
C ASP A 139 14.38 -24.81 12.65
N PHE A 140 14.50 -25.46 11.47
CA PHE A 140 13.70 -26.62 11.15
C PHE A 140 14.04 -27.85 12.02
N GLU A 141 15.32 -28.02 12.41
CA GLU A 141 15.74 -29.11 13.30
C GLU A 141 14.95 -29.12 14.61
N LYS A 142 14.52 -27.95 15.09
CA LYS A 142 13.77 -27.81 16.34
C LYS A 142 12.30 -28.23 16.25
N VAL A 143 11.78 -28.53 15.04
CA VAL A 143 10.37 -28.87 14.85
C VAL A 143 10.09 -30.34 15.10
N ASP A 144 9.13 -30.64 16.00
CA ASP A 144 8.71 -32.01 16.27
C ASP A 144 7.89 -32.42 15.06
N LEU A 145 8.36 -33.39 14.30
CA LEU A 145 7.69 -33.80 13.06
C LEU A 145 6.48 -34.73 13.23
N THR A 146 6.34 -35.40 14.40
CA THR A 146 5.25 -36.38 14.62
C THR A 146 3.86 -35.78 14.37
N GLN A 147 3.70 -34.50 14.68
CA GLN A 147 2.49 -33.67 14.48
C GLN A 147 1.94 -33.65 13.05
N PHE A 148 2.81 -33.82 12.05
CA PHE A 148 2.44 -33.62 10.65
C PHE A 148 2.29 -34.86 9.79
N LYS A 149 1.26 -34.83 8.93
CA LYS A 149 1.02 -35.86 7.92
C LYS A 149 1.59 -35.43 6.54
N TRP A 150 1.78 -34.11 6.33
CA TRP A 150 2.27 -33.57 5.06
C TRP A 150 3.05 -32.30 5.34
N ILE A 151 4.18 -32.11 4.65
CA ILE A 151 4.99 -30.90 4.77
C ILE A 151 5.19 -30.36 3.36
N HIS A 152 4.75 -29.12 3.10
CA HIS A 152 4.90 -28.45 1.82
C HIS A 152 5.93 -27.33 1.99
N ILE A 153 6.90 -27.25 1.07
CA ILE A 153 7.95 -26.23 1.13
C ILE A 153 7.93 -25.33 -0.10
N GLU A 154 7.77 -24.01 0.11
CA GLU A 154 7.84 -23.00 -0.93
C GLU A 154 9.33 -22.76 -1.18
N GLY A 155 9.82 -23.03 -2.39
CA GLY A 155 11.23 -22.82 -2.74
C GLY A 155 11.69 -21.39 -2.53
N ARG A 156 12.71 -21.18 -1.67
CA ARG A 156 13.23 -19.86 -1.33
C ARG A 156 14.78 -19.94 -1.15
N ASN A 157 15.29 -20.37 0.02
CA ASN A 157 16.73 -20.52 0.31
C ASN A 157 17.02 -22.01 0.14
N ALA A 158 17.19 -22.42 -1.12
CA ALA A 158 17.28 -23.83 -1.52
C ALA A 158 18.31 -24.68 -0.79
N SER A 159 19.56 -24.21 -0.62
CA SER A 159 20.58 -25.01 0.07
C SER A 159 20.16 -25.36 1.52
N GLU A 160 19.50 -24.41 2.24
CA GLU A 160 19.01 -24.70 3.60
C GLU A 160 17.79 -25.62 3.56
N GLN A 161 16.87 -25.40 2.60
CA GLN A 161 15.66 -26.21 2.46
C GLN A 161 15.97 -27.66 2.07
N VAL A 162 17.06 -27.90 1.32
CA VAL A 162 17.50 -29.27 0.97
C VAL A 162 17.84 -30.02 2.28
N LYS A 163 18.47 -29.36 3.27
CA LYS A 163 18.79 -29.97 4.56
C LYS A 163 17.48 -30.29 5.34
N MET A 164 16.46 -29.41 5.24
CA MET A 164 15.15 -29.65 5.87
C MET A 164 14.52 -30.91 5.26
N LEU A 165 14.58 -31.03 3.92
CA LEU A 165 14.03 -32.17 3.20
C LEU A 165 14.78 -33.45 3.51
N GLN A 166 16.10 -33.37 3.67
CA GLN A 166 16.91 -34.53 4.06
C GLN A 166 16.56 -34.97 5.49
N ARG A 167 16.26 -34.03 6.41
CA ARG A 167 15.82 -34.36 7.76
C ARG A 167 14.48 -35.12 7.70
N ILE A 168 13.54 -34.68 6.84
CA ILE A 168 12.24 -35.35 6.72
C ILE A 168 12.46 -36.75 6.15
N ASP A 169 13.30 -36.89 5.10
CA ASP A 169 13.61 -38.20 4.51
C ASP A 169 14.20 -39.16 5.57
N ALA A 170 15.15 -38.67 6.41
CA ALA A 170 15.75 -39.47 7.47
C ALA A 170 14.70 -39.91 8.49
N HIS A 171 13.77 -39.00 8.86
CA HIS A 171 12.67 -39.31 9.76
C HIS A 171 11.81 -40.44 9.18
N ASN A 172 11.45 -40.36 7.88
CA ASN A 172 10.63 -41.36 7.21
C ASN A 172 11.26 -42.76 7.13
N THR A 173 12.60 -42.88 7.06
CA THR A 173 13.24 -44.20 7.00
C THR A 173 12.95 -45.04 8.26
N ARG A 174 12.72 -44.38 9.42
CA ARG A 174 12.44 -45.04 10.70
C ARG A 174 10.93 -45.20 10.97
N GLN A 175 10.04 -45.00 9.97
CA GLN A 175 8.59 -45.08 10.21
C GLN A 175 7.94 -46.13 9.32
N PRO A 176 6.88 -46.85 9.77
CA PRO A 176 6.17 -47.76 8.84
C PRO A 176 5.44 -46.95 7.74
N PRO A 177 5.10 -47.54 6.56
CA PRO A 177 4.43 -46.76 5.50
C PRO A 177 3.27 -45.86 5.93
N GLU A 178 2.47 -46.29 6.93
CA GLU A 178 1.32 -45.50 7.38
C GLU A 178 1.68 -44.22 8.16
N GLN A 179 2.88 -44.17 8.78
CA GLN A 179 3.32 -42.99 9.53
C GLN A 179 4.38 -42.16 8.78
N LYS A 180 4.56 -42.38 7.47
CA LYS A 180 5.52 -41.60 6.69
C LYS A 180 4.88 -40.24 6.36
N ILE A 181 5.66 -39.17 6.47
CA ILE A 181 5.21 -37.82 6.19
C ILE A 181 5.35 -37.58 4.70
N ARG A 182 4.24 -37.25 4.01
CA ARG A 182 4.32 -36.93 2.59
C ARG A 182 4.86 -35.50 2.41
N VAL A 183 5.63 -35.29 1.35
CA VAL A 183 6.29 -34.02 1.13
C VAL A 183 6.01 -33.44 -0.25
N SER A 184 5.78 -32.13 -0.31
CA SER A 184 5.65 -31.44 -1.58
C SER A 184 6.55 -30.21 -1.57
N VAL A 185 7.03 -29.83 -2.77
CA VAL A 185 7.87 -28.65 -2.95
C VAL A 185 7.29 -27.83 -4.10
N GLU A 186 7.50 -26.51 -4.06
CA GLU A 186 7.09 -25.63 -5.14
C GLU A 186 8.34 -24.93 -5.66
N VAL A 187 8.56 -25.00 -6.98
CA VAL A 187 9.64 -24.29 -7.69
C VAL A 187 8.87 -23.27 -8.51
N GLU A 188 8.69 -22.08 -7.95
CA GLU A 188 7.85 -21.04 -8.53
C GLU A 188 8.61 -19.95 -9.28
N LYS A 189 9.86 -19.66 -8.89
CA LYS A 189 10.64 -18.60 -9.55
C LYS A 189 11.70 -19.20 -10.47
N PRO A 190 12.00 -18.59 -11.64
CA PRO A 190 13.06 -19.12 -12.50
C PRO A 190 14.48 -18.75 -12.02
N ARG A 191 14.85 -19.23 -10.83
CA ARG A 191 16.16 -19.03 -10.22
C ARG A 191 16.84 -20.39 -10.23
N GLU A 192 18.04 -20.48 -10.85
CA GLU A 192 18.79 -21.72 -10.99
C GLU A 192 19.02 -22.44 -9.65
N GLU A 193 19.22 -21.69 -8.55
CA GLU A 193 19.45 -22.28 -7.23
C GLU A 193 18.28 -23.16 -6.79
N LEU A 194 17.03 -22.81 -7.18
CA LEU A 194 15.85 -23.58 -6.81
C LEU A 194 15.70 -24.88 -7.56
N PHE A 195 16.37 -25.06 -8.72
CA PHE A 195 16.17 -26.27 -9.52
C PHE A 195 16.67 -27.55 -8.84
N GLN A 196 17.57 -27.44 -7.85
CA GLN A 196 17.98 -28.62 -7.08
C GLN A 196 16.77 -29.18 -6.28
N LEU A 197 15.74 -28.35 -5.97
CA LEU A 197 14.56 -28.81 -5.24
C LEU A 197 13.67 -29.79 -6.02
N PHE A 198 13.81 -29.87 -7.37
CA PHE A 198 13.05 -30.85 -8.17
C PHE A 198 13.29 -32.29 -7.70
N GLY A 199 14.51 -32.58 -7.26
CA GLY A 199 14.88 -33.92 -6.80
C GLY A 199 14.40 -34.32 -5.43
N TYR A 200 13.53 -33.52 -4.80
CA TYR A 200 13.01 -33.81 -3.45
C TYR A 200 11.49 -33.76 -3.44
N GLY A 201 10.89 -34.49 -2.52
CA GLY A 201 9.44 -34.54 -2.38
C GLY A 201 8.71 -35.56 -3.23
N ASP A 202 7.56 -36.00 -2.73
CA ASP A 202 6.66 -36.93 -3.40
C ASP A 202 5.88 -36.20 -4.51
N VAL A 203 5.59 -34.89 -4.31
CA VAL A 203 4.85 -34.07 -5.28
C VAL A 203 5.68 -32.82 -5.52
N VAL A 204 5.95 -32.48 -6.78
CA VAL A 204 6.71 -31.30 -7.14
C VAL A 204 5.81 -30.42 -7.98
N PHE A 205 5.58 -29.19 -7.55
CA PHE A 205 4.80 -28.21 -8.30
C PHE A 205 5.80 -27.31 -9.03
N VAL A 206 5.67 -27.19 -10.35
CA VAL A 206 6.53 -26.31 -11.13
C VAL A 206 5.61 -25.28 -11.79
N SER A 207 5.95 -23.97 -11.66
CA SER A 207 5.11 -22.94 -12.24
C SER A 207 5.26 -22.82 -13.74
N LYS A 208 4.23 -22.25 -14.39
CA LYS A 208 4.23 -21.95 -15.82
C LYS A 208 5.44 -21.03 -16.16
N ASP A 209 5.73 -20.02 -15.31
CA ASP A 209 6.84 -19.08 -15.51
C ASP A 209 8.17 -19.82 -15.56
N VAL A 210 8.38 -20.80 -14.65
CA VAL A 210 9.62 -21.60 -14.65
C VAL A 210 9.69 -22.42 -15.94
N ALA A 211 8.59 -23.10 -16.29
CA ALA A 211 8.53 -23.91 -17.51
C ALA A 211 8.85 -23.09 -18.77
N LYS A 212 8.27 -21.88 -18.91
CA LYS A 212 8.51 -21.04 -20.07
C LYS A 212 9.96 -20.54 -20.10
N HIS A 213 10.54 -20.20 -18.93
CA HIS A 213 11.95 -19.78 -18.87
C HIS A 213 12.90 -20.92 -19.27
N LEU A 214 12.50 -22.20 -19.06
CA LEU A 214 13.32 -23.33 -19.50
C LEU A 214 12.97 -23.80 -20.95
N GLY A 215 12.24 -22.98 -21.71
CA GLY A 215 11.90 -23.25 -23.11
C GLY A 215 10.65 -24.08 -23.41
N PHE A 216 9.84 -24.43 -22.39
CA PHE A 216 8.64 -25.24 -22.63
C PHE A 216 7.41 -24.35 -22.85
N GLN A 217 6.62 -24.64 -23.88
CA GLN A 217 5.46 -23.83 -24.27
C GLN A 217 4.11 -24.36 -23.82
N SER A 218 4.07 -25.48 -23.11
CA SER A 218 2.81 -26.05 -22.60
C SER A 218 3.10 -26.88 -21.36
N ALA A 219 2.07 -27.20 -20.56
CA ALA A 219 2.24 -28.04 -19.39
C ALA A 219 2.71 -29.44 -19.79
N GLU A 220 2.18 -29.99 -20.90
CA GLU A 220 2.60 -31.31 -21.41
C GLU A 220 4.10 -31.30 -21.73
N GLU A 221 4.57 -30.27 -22.46
CA GLU A 221 6.00 -30.15 -22.81
C GLU A 221 6.87 -30.06 -21.56
N ALA A 222 6.44 -29.24 -20.60
CA ALA A 222 7.19 -29.03 -19.37
C ALA A 222 7.31 -30.31 -18.56
N LEU A 223 6.22 -31.08 -18.40
CA LEU A 223 6.28 -32.31 -17.61
C LEU A 223 7.17 -33.37 -18.26
N ARG A 224 7.04 -33.55 -19.59
CA ARG A 224 7.90 -34.52 -20.29
C ARG A 224 9.37 -34.09 -20.24
N GLY A 225 9.64 -32.81 -20.39
CA GLY A 225 11.01 -32.30 -20.38
C GLY A 225 11.67 -32.21 -19.01
N LEU A 226 10.88 -32.11 -17.92
CA LEU A 226 11.44 -31.96 -16.56
C LEU A 226 11.27 -33.18 -15.67
N TYR A 227 10.55 -34.23 -16.11
CA TYR A 227 10.35 -35.39 -15.25
C TYR A 227 11.67 -36.07 -14.83
N GLY A 228 12.66 -36.09 -15.73
CA GLY A 228 13.98 -36.65 -15.42
C GLY A 228 14.66 -36.04 -14.21
N ARG A 229 14.22 -34.85 -13.74
CA ARG A 229 14.81 -34.19 -12.57
C ARG A 229 14.20 -34.63 -11.22
N VAL A 230 12.99 -35.22 -11.20
CA VAL A 230 12.35 -35.58 -9.93
C VAL A 230 12.92 -36.90 -9.38
N ARG A 231 12.75 -37.14 -8.06
CA ARG A 231 13.21 -38.40 -7.47
C ARG A 231 12.29 -39.55 -7.89
N LYS A 232 12.78 -40.80 -7.76
CA LYS A 232 12.03 -42.00 -8.12
C LYS A 232 10.70 -42.06 -7.38
N GLY A 233 9.62 -42.27 -8.12
CA GLY A 233 8.27 -42.35 -7.56
C GLY A 233 7.51 -41.03 -7.46
N ALA A 234 8.16 -39.88 -7.66
CA ALA A 234 7.51 -38.57 -7.52
C ALA A 234 6.50 -38.22 -8.64
N VAL A 235 5.55 -37.31 -8.33
CA VAL A 235 4.55 -36.80 -9.25
C VAL A 235 4.91 -35.33 -9.51
N LEU A 236 5.08 -34.97 -10.79
CA LEU A 236 5.37 -33.60 -11.17
C LEU A 236 4.07 -32.97 -11.66
N VAL A 237 3.74 -31.77 -11.15
CA VAL A 237 2.48 -31.09 -11.44
C VAL A 237 2.75 -29.72 -12.02
N CYS A 238 2.02 -29.33 -13.07
CA CYS A 238 2.19 -28.03 -13.69
C CYS A 238 0.82 -27.45 -14.09
N ALA A 239 0.40 -26.38 -13.40
CA ALA A 239 -0.82 -25.63 -13.74
C ALA A 239 -0.48 -24.60 -14.81
N TRP A 240 -1.44 -24.29 -15.69
CA TRP A 240 -1.22 -23.40 -16.80
C TRP A 240 -2.43 -22.49 -17.05
N ALA A 241 -2.83 -21.77 -15.98
CA ALA A 241 -3.90 -20.77 -16.01
C ALA A 241 -5.22 -21.33 -16.73
N GLU A 242 -5.87 -20.65 -17.74
CA GLU A 242 -7.06 -21.09 -18.43
C GLU A 242 -6.91 -22.44 -19.13
N GLU A 243 -5.66 -22.92 -19.37
CA GLU A 243 -5.45 -24.22 -20.01
C GLU A 243 -5.52 -25.40 -19.00
N GLY A 244 -5.86 -25.14 -17.73
CA GLY A 244 -6.00 -26.19 -16.75
C GLY A 244 -4.68 -26.60 -16.14
N ALA A 245 -4.52 -27.88 -15.87
CA ALA A 245 -3.30 -28.38 -15.24
C ALA A 245 -3.03 -29.80 -15.62
N ASP A 246 -1.76 -30.19 -15.59
CA ASP A 246 -1.32 -31.53 -15.93
C ASP A 246 -0.47 -32.11 -14.80
N ALA A 247 -0.39 -33.43 -14.73
CA ALA A 247 0.45 -34.14 -13.77
C ALA A 247 1.08 -35.36 -14.46
N LEU A 248 2.24 -35.79 -13.99
CA LEU A 248 2.94 -36.93 -14.56
C LEU A 248 3.64 -37.66 -13.44
N GLY A 249 3.31 -38.95 -13.29
CA GLY A 249 3.86 -39.81 -12.26
C GLY A 249 4.79 -40.88 -12.80
N PRO A 250 5.25 -41.80 -11.92
CA PRO A 250 6.23 -42.83 -12.37
C PRO A 250 5.74 -43.79 -13.46
N ASP A 251 4.42 -43.99 -13.63
CA ASP A 251 3.90 -44.85 -14.70
C ASP A 251 4.02 -44.25 -16.12
N GLY A 252 4.47 -42.99 -16.24
CA GLY A 252 4.62 -42.35 -17.54
C GLY A 252 3.35 -41.88 -18.21
N LYS A 253 2.19 -41.99 -17.54
CA LYS A 253 0.92 -41.54 -18.15
C LYS A 253 0.64 -40.07 -17.79
N LEU A 254 0.50 -39.23 -18.82
CA LEU A 254 0.18 -37.83 -18.62
C LEU A 254 -1.28 -37.71 -18.17
N LEU A 255 -1.52 -36.92 -17.13
CA LEU A 255 -2.88 -36.67 -16.65
C LEU A 255 -3.20 -35.20 -16.88
N HIS A 256 -4.44 -34.90 -17.27
CA HIS A 256 -4.87 -33.54 -17.52
C HIS A 256 -6.20 -33.26 -16.85
N SER A 257 -6.41 -32.00 -16.45
CA SER A 257 -7.68 -31.51 -16.00
C SER A 257 -7.91 -30.20 -16.72
N ASP A 258 -9.10 -30.02 -17.27
CA ASP A 258 -9.49 -28.72 -17.79
C ASP A 258 -9.65 -27.77 -16.60
N ALA A 259 -9.52 -26.46 -16.87
CA ALA A 259 -9.76 -25.46 -15.86
C ALA A 259 -11.29 -25.40 -15.57
N PHE A 260 -11.67 -24.76 -14.46
CA PHE A 260 -13.06 -24.49 -14.12
C PHE A 260 -13.16 -22.94 -14.06
N PRO A 261 -13.00 -22.22 -15.21
CA PRO A 261 -12.98 -20.76 -15.12
C PRO A 261 -14.32 -20.18 -14.70
N PRO A 262 -14.33 -19.14 -13.86
CA PRO A 262 -15.59 -18.49 -13.53
C PRO A 262 -16.10 -17.67 -14.75
N PRO A 263 -17.41 -17.44 -14.96
CA PRO A 263 -17.83 -16.62 -16.11
C PRO A 263 -17.20 -15.23 -16.09
N ARG A 264 -16.88 -14.68 -14.89
CA ARG A 264 -16.18 -13.40 -14.77
C ARG A 264 -14.95 -13.57 -13.88
N VAL A 265 -13.75 -13.42 -14.49
CA VAL A 265 -12.48 -13.56 -13.79
C VAL A 265 -12.21 -12.18 -13.18
N VAL A 266 -12.16 -12.08 -11.83
CA VAL A 266 -12.01 -10.78 -11.14
C VAL A 266 -10.74 -10.68 -10.27
N ASP A 267 -10.17 -11.81 -9.81
CA ASP A 267 -8.99 -11.75 -8.95
C ASP A 267 -8.24 -13.07 -8.96
N THR A 268 -7.08 -13.12 -9.63
CA THR A 268 -6.28 -14.34 -9.65
C THR A 268 -5.11 -14.30 -8.64
N LEU A 269 -4.99 -13.26 -7.79
CA LEU A 269 -3.90 -13.22 -6.80
C LEU A 269 -4.07 -14.37 -5.81
N GLY A 270 -3.08 -15.26 -5.76
CA GLY A 270 -3.14 -16.45 -4.91
C GLY A 270 -3.85 -17.63 -5.57
N ALA A 271 -4.19 -17.56 -6.87
CA ALA A 271 -4.82 -18.71 -7.56
C ALA A 271 -3.86 -19.92 -7.58
N GLY A 272 -2.58 -19.69 -7.82
CA GLY A 272 -1.58 -20.77 -7.81
C GLY A 272 -1.45 -21.43 -6.45
N ASP A 273 -1.49 -20.61 -5.39
CA ASP A 273 -1.43 -21.13 -4.01
C ASP A 273 -2.71 -21.90 -3.67
N THR A 274 -3.86 -21.47 -4.20
CA THR A 274 -5.13 -22.15 -4.00
C THR A 274 -5.08 -23.52 -4.70
N PHE A 275 -4.57 -23.56 -5.94
CA PHE A 275 -4.39 -24.79 -6.70
C PHE A 275 -3.48 -25.77 -5.90
N ASN A 276 -2.30 -25.28 -5.46
CA ASN A 276 -1.35 -26.14 -4.73
C ASN A 276 -1.97 -26.71 -3.45
N ALA A 277 -2.60 -25.86 -2.64
CA ALA A 277 -3.22 -26.28 -1.39
C ALA A 277 -4.32 -27.30 -1.63
N SER A 278 -5.12 -27.10 -2.67
CA SER A 278 -6.24 -27.99 -2.98
C SER A 278 -5.76 -29.36 -3.49
N VAL A 279 -4.66 -29.39 -4.30
CA VAL A 279 -4.05 -30.67 -4.76
C VAL A 279 -3.49 -31.42 -3.53
N ILE A 280 -2.76 -30.71 -2.65
CA ILE A 280 -2.21 -31.29 -1.42
C ILE A 280 -3.35 -31.86 -0.56
N PHE A 281 -4.42 -31.08 -0.35
CA PHE A 281 -5.55 -31.51 0.48
C PHE A 281 -6.17 -32.80 -0.08
N SER A 282 -6.47 -32.81 -1.39
CA SER A 282 -7.08 -33.96 -2.04
C SER A 282 -6.19 -35.21 -1.95
N LEU A 283 -4.88 -35.06 -2.21
CA LEU A 283 -3.95 -36.20 -2.07
C LEU A 283 -3.81 -36.65 -0.61
N SER A 284 -3.77 -35.70 0.35
CA SER A 284 -3.70 -36.05 1.78
C SER A 284 -4.97 -36.80 2.24
N GLN A 285 -6.11 -36.62 1.55
CA GLN A 285 -7.36 -37.33 1.82
C GLN A 285 -7.42 -38.72 1.13
N GLY A 286 -6.36 -39.14 0.44
CA GLY A 286 -6.30 -40.44 -0.22
C GLY A 286 -6.87 -40.49 -1.62
N ARG A 287 -7.14 -39.32 -2.24
CA ARG A 287 -7.70 -39.30 -3.60
C ARG A 287 -6.61 -39.59 -4.63
N SER A 288 -7.01 -40.04 -5.82
CA SER A 288 -6.06 -40.30 -6.90
C SER A 288 -5.44 -38.98 -7.40
N VAL A 289 -4.32 -39.06 -8.14
CA VAL A 289 -3.68 -37.88 -8.71
C VAL A 289 -4.65 -37.20 -9.70
N GLN A 290 -5.38 -37.98 -10.53
CA GLN A 290 -6.35 -37.39 -11.46
C GLN A 290 -7.44 -36.60 -10.69
N GLU A 291 -7.98 -37.18 -9.62
CA GLU A 291 -9.02 -36.50 -8.84
C GLU A 291 -8.44 -35.24 -8.16
N ALA A 292 -7.23 -35.32 -7.59
CA ALA A 292 -6.61 -34.16 -6.95
C ALA A 292 -6.33 -33.02 -7.94
N LEU A 293 -5.92 -33.38 -9.16
CA LEU A 293 -5.65 -32.40 -10.22
C LEU A 293 -6.95 -31.65 -10.60
N ARG A 294 -8.05 -32.41 -10.73
CA ARG A 294 -9.35 -31.82 -11.03
C ARG A 294 -9.80 -30.92 -9.86
N PHE A 295 -9.65 -31.40 -8.61
CA PHE A 295 -10.05 -30.62 -7.44
C PHE A 295 -9.27 -29.33 -7.33
N GLY A 296 -7.97 -29.38 -7.61
CA GLY A 296 -7.15 -28.17 -7.64
C GLY A 296 -7.64 -27.12 -8.62
N CYS A 297 -8.00 -27.55 -9.82
CA CYS A 297 -8.56 -26.67 -10.83
C CYS A 297 -9.92 -26.15 -10.38
N GLN A 298 -10.76 -27.01 -9.78
CA GLN A 298 -12.09 -26.62 -9.32
C GLN A 298 -12.00 -25.49 -8.28
N VAL A 299 -11.17 -25.64 -7.24
CA VAL A 299 -11.11 -24.65 -6.16
C VAL A 299 -10.42 -23.35 -6.64
N ALA A 300 -9.31 -23.48 -7.37
CA ALA A 300 -8.62 -22.28 -7.90
C ALA A 300 -9.49 -21.52 -8.90
N GLY A 301 -10.26 -22.23 -9.71
CA GLY A 301 -11.17 -21.59 -10.66
C GLY A 301 -12.26 -20.82 -9.94
N LYS A 302 -12.81 -21.41 -8.88
CA LYS A 302 -13.82 -20.73 -8.06
C LYS A 302 -13.21 -19.44 -7.44
N LYS A 303 -11.99 -19.55 -6.90
CA LYS A 303 -11.30 -18.40 -6.31
C LYS A 303 -11.14 -17.25 -7.31
N CYS A 304 -10.80 -17.56 -8.58
CA CYS A 304 -10.61 -16.53 -9.62
C CYS A 304 -11.84 -15.65 -9.83
N GLY A 305 -13.03 -16.13 -9.47
CA GLY A 305 -14.26 -15.34 -9.61
C GLY A 305 -14.62 -14.56 -8.37
N LEU A 306 -13.74 -14.52 -7.35
CA LEU A 306 -14.00 -13.85 -6.09
C LEU A 306 -12.83 -12.98 -5.69
N GLN A 307 -13.11 -11.93 -4.90
CA GLN A 307 -12.04 -11.12 -4.32
C GLN A 307 -11.56 -11.89 -3.06
N GLY A 308 -10.27 -12.16 -2.99
CA GLY A 308 -9.71 -12.86 -1.83
C GLY A 308 -10.07 -14.34 -1.80
N PHE A 309 -10.09 -14.94 -0.59
CA PHE A 309 -10.32 -16.37 -0.42
C PHE A 309 -11.68 -16.71 0.19
N ASP A 310 -12.40 -15.74 0.78
CA ASP A 310 -13.72 -15.99 1.35
C ASP A 310 -14.70 -16.41 0.24
N GLY A 311 -15.59 -17.34 0.54
CA GLY A 311 -16.56 -17.81 -0.44
C GLY A 311 -16.10 -18.97 -1.29
N ILE A 312 -14.83 -19.40 -1.17
CA ILE A 312 -14.32 -20.59 -1.85
C ILE A 312 -15.09 -21.86 -1.37
N VAL A 313 -15.58 -21.85 -0.12
CA VAL A 313 -16.35 -22.95 0.47
C VAL A 313 -17.71 -22.40 0.92
N SER B 12 -5.45 13.46 24.95
CA SER B 12 -5.42 14.89 24.62
C SER B 12 -5.37 15.69 25.93
N GLY B 13 -4.48 16.68 26.00
CA GLY B 13 -4.33 17.52 27.19
C GLY B 13 -4.91 18.92 27.01
N LEU B 14 -4.65 19.81 27.97
CA LEU B 14 -5.14 21.17 27.92
C LEU B 14 -4.41 21.92 26.80
N VAL B 15 -5.16 22.53 25.86
CA VAL B 15 -4.59 23.33 24.78
C VAL B 15 -4.90 24.79 25.15
N PRO B 16 -3.90 25.69 25.35
CA PRO B 16 -4.25 27.06 25.69
C PRO B 16 -5.10 27.74 24.60
N ARG B 17 -6.00 28.63 25.03
CA ARG B 17 -6.88 29.38 24.13
C ARG B 17 -6.08 30.15 23.06
N GLY B 18 -6.57 30.12 21.81
CA GLY B 18 -5.99 30.86 20.68
C GLY B 18 -4.53 30.55 20.39
N SER B 19 -4.08 29.31 20.61
CA SER B 19 -2.67 28.96 20.42
C SER B 19 -2.37 28.11 19.17
N GLN B 20 -3.33 27.35 18.64
CA GLN B 20 -3.05 26.41 17.56
C GLN B 20 -3.42 26.87 16.17
N ILE B 21 -2.75 26.30 15.16
CA ILE B 21 -3.08 26.51 13.75
C ILE B 21 -3.69 25.17 13.32
N LEU B 22 -4.91 25.20 12.80
CA LEU B 22 -5.62 23.99 12.36
C LEU B 22 -5.55 23.93 10.85
N CYS B 23 -5.22 22.75 10.29
CA CYS B 23 -5.27 22.52 8.85
C CYS B 23 -6.31 21.45 8.61
N VAL B 24 -7.31 21.75 7.76
CA VAL B 24 -8.39 20.84 7.42
C VAL B 24 -8.15 20.34 6.00
N GLY B 25 -8.15 19.02 5.82
CA GLY B 25 -7.96 18.45 4.50
C GLY B 25 -7.66 16.98 4.50
N LEU B 26 -6.90 16.54 3.51
CA LEU B 26 -6.58 15.14 3.29
C LEU B 26 -5.33 14.65 4.01
N VAL B 27 -5.41 13.37 4.43
CA VAL B 27 -4.26 12.59 4.85
C VAL B 27 -4.38 11.27 4.06
N VAL B 28 -3.27 10.81 3.49
CA VAL B 28 -3.24 9.58 2.68
C VAL B 28 -1.94 8.83 2.95
N LEU B 29 -1.98 7.50 2.93
CA LEU B 29 -0.78 6.67 3.04
C LEU B 29 -0.26 6.49 1.62
N ASP B 30 0.94 6.96 1.34
CA ASP B 30 1.55 6.80 0.03
C ASP B 30 2.57 5.68 0.14
N VAL B 31 2.34 4.58 -0.60
CA VAL B 31 3.30 3.49 -0.65
C VAL B 31 4.09 3.70 -1.92
N ILE B 32 5.36 4.09 -1.81
CA ILE B 32 6.22 4.43 -2.95
C ILE B 32 7.25 3.33 -3.21
N SER B 33 7.27 2.76 -4.42
CA SER B 33 8.18 1.67 -4.81
C SER B 33 9.07 2.14 -5.93
N LEU B 34 10.38 2.01 -5.76
CA LEU B 34 11.33 2.37 -6.80
C LEU B 34 11.66 1.08 -7.54
N VAL B 35 11.50 1.05 -8.87
CA VAL B 35 11.72 -0.17 -9.68
C VAL B 35 12.72 0.11 -10.82
N ASP B 36 13.40 -0.95 -11.31
CA ASP B 36 14.35 -0.81 -12.44
C ASP B 36 13.62 -0.47 -13.75
N LYS B 37 12.42 -1.03 -13.92
CA LYS B 37 11.61 -0.83 -15.12
C LYS B 37 10.15 -1.02 -14.75
N TYR B 38 9.26 -0.36 -15.49
CA TYR B 38 7.84 -0.42 -15.20
C TYR B 38 7.35 -1.86 -15.37
N PRO B 39 6.67 -2.46 -14.37
CA PRO B 39 6.27 -3.87 -14.52
C PRO B 39 5.24 -4.06 -15.61
N LYS B 40 5.38 -5.16 -16.35
CA LYS B 40 4.37 -5.53 -17.33
C LYS B 40 3.17 -6.05 -16.53
N GLU B 41 1.95 -5.85 -17.05
CA GLU B 41 0.76 -6.32 -16.35
C GLU B 41 0.80 -7.84 -16.11
N ASP B 42 0.35 -8.27 -14.95
CA ASP B 42 0.28 -9.68 -14.54
C ASP B 42 1.66 -10.28 -14.20
N SER B 43 2.68 -9.45 -13.96
CA SER B 43 3.99 -9.94 -13.58
C SER B 43 4.23 -9.76 -12.07
N GLU B 44 5.21 -10.51 -11.53
CA GLU B 44 5.62 -10.45 -10.13
C GLU B 44 7.07 -9.97 -10.18
N ILE B 45 7.36 -8.77 -9.65
CA ILE B 45 8.70 -8.19 -9.66
C ILE B 45 9.10 -7.78 -8.24
N ARG B 46 10.39 -7.55 -8.01
CA ARG B 46 10.89 -7.05 -6.74
C ARG B 46 11.31 -5.61 -6.96
N CYS B 47 10.94 -4.70 -6.06
CA CYS B 47 11.38 -3.30 -6.18
C CYS B 47 12.82 -3.17 -5.61
N LEU B 48 13.48 -2.07 -5.96
CA LEU B 48 14.81 -1.74 -5.47
C LEU B 48 14.72 -1.20 -4.03
N SER B 49 13.67 -0.41 -3.75
CA SER B 49 13.41 0.14 -2.42
C SER B 49 11.94 0.53 -2.30
N GLN B 50 11.42 0.55 -1.08
CA GLN B 50 10.04 0.93 -0.84
C GLN B 50 9.98 1.78 0.41
N ARG B 51 9.04 2.72 0.44
CA ARG B 51 8.81 3.50 1.64
C ARG B 51 7.35 3.88 1.78
N TRP B 52 6.88 3.88 3.01
CA TRP B 52 5.51 4.26 3.36
C TRP B 52 5.65 5.68 3.89
N GLN B 53 4.83 6.61 3.36
CA GLN B 53 4.87 8.01 3.76
C GLN B 53 3.49 8.51 4.03
N ARG B 54 3.38 9.46 4.93
CA ARG B 54 2.12 10.14 5.17
C ARG B 54 2.12 11.31 4.18
N GLY B 55 1.06 11.42 3.38
CA GLY B 55 0.87 12.49 2.40
C GLY B 55 -0.42 13.25 2.60
N GLY B 56 -0.73 14.14 1.65
CA GLY B 56 -1.94 14.95 1.67
C GLY B 56 -1.53 16.40 1.93
N ASN B 57 -2.17 17.36 1.23
CA ASN B 57 -1.78 18.77 1.36
C ASN B 57 -1.88 19.31 2.80
N ALA B 58 -3.04 19.21 3.45
CA ALA B 58 -3.21 19.71 4.82
C ALA B 58 -2.27 18.96 5.78
N SER B 59 -2.12 17.63 5.57
CA SER B 59 -1.22 16.80 6.37
C SER B 59 0.25 17.30 6.26
N ASN B 60 0.75 17.55 5.03
CA ASN B 60 2.10 18.03 4.82
C ASN B 60 2.28 19.40 5.49
N SER B 61 1.27 20.28 5.35
CA SER B 61 1.36 21.62 5.95
C SER B 61 1.47 21.53 7.50
N CYS B 62 0.77 20.56 8.14
CA CYS B 62 0.89 20.37 9.59
C CYS B 62 2.32 19.99 9.97
N THR B 63 2.94 19.06 9.22
CA THR B 63 4.34 18.67 9.48
C THR B 63 5.27 19.91 9.47
N VAL B 64 5.13 20.76 8.43
CA VAL B 64 5.96 21.95 8.32
C VAL B 64 5.67 22.95 9.46
N LEU B 65 4.39 23.15 9.82
CA LEU B 65 4.04 24.05 10.93
C LEU B 65 4.70 23.60 12.25
N SER B 66 4.69 22.28 12.55
CA SER B 66 5.35 21.77 13.76
C SER B 66 6.85 22.02 13.71
N LEU B 67 7.49 21.78 12.55
CA LEU B 67 8.93 22.02 12.39
C LEU B 67 9.28 23.50 12.50
N LEU B 68 8.36 24.40 12.11
CA LEU B 68 8.56 25.83 12.28
C LEU B 68 8.39 26.31 13.76
N GLY B 69 7.84 25.47 14.62
CA GLY B 69 7.65 25.75 16.04
C GLY B 69 6.25 26.20 16.40
N ALA B 70 5.27 25.92 15.53
CA ALA B 70 3.90 26.32 15.80
C ALA B 70 3.10 25.14 16.36
N PRO B 71 2.33 25.33 17.46
CA PRO B 71 1.40 24.26 17.88
C PRO B 71 0.37 24.07 16.75
N CYS B 72 0.17 22.85 16.25
CA CYS B 72 -0.74 22.65 15.13
C CYS B 72 -1.55 21.40 15.26
N ALA B 73 -2.69 21.41 14.57
CA ALA B 73 -3.65 20.32 14.63
C ALA B 73 -4.13 20.01 13.23
N PHE B 74 -4.44 18.75 13.00
CA PHE B 74 -4.95 18.29 11.72
C PHE B 74 -6.40 17.88 11.92
N MET B 75 -7.26 18.23 10.96
CA MET B 75 -8.63 17.73 10.93
C MET B 75 -8.86 17.17 9.53
N GLY B 76 -9.18 15.91 9.49
CA GLY B 76 -9.47 15.19 8.26
C GLY B 76 -10.13 13.86 8.61
N SER B 77 -10.65 13.17 7.60
CA SER B 77 -11.33 11.89 7.87
C SER B 77 -10.35 10.74 7.87
N MET B 78 -10.60 9.79 8.76
CA MET B 78 -9.85 8.54 8.88
C MET B 78 -10.85 7.44 9.29
N ALA B 79 -10.58 6.19 8.93
CA ALA B 79 -11.38 5.06 9.35
C ALA B 79 -10.54 4.23 10.31
N PRO B 80 -11.08 3.70 11.43
CA PRO B 80 -10.23 2.84 12.30
C PRO B 80 -9.59 1.68 11.55
N GLY B 81 -8.32 1.40 11.84
CA GLY B 81 -7.60 0.32 11.17
C GLY B 81 -6.10 0.54 11.16
N HIS B 82 -5.36 -0.39 10.59
CA HIS B 82 -3.90 -0.32 10.56
C HIS B 82 -3.33 0.82 9.69
N VAL B 83 -4.01 1.22 8.61
CA VAL B 83 -3.51 2.33 7.78
C VAL B 83 -3.58 3.62 8.62
N ALA B 84 -4.74 3.84 9.30
CA ALA B 84 -4.88 5.01 10.16
C ALA B 84 -3.88 4.97 11.31
N ASP B 85 -3.59 3.78 11.89
CA ASP B 85 -2.61 3.67 12.98
C ASP B 85 -1.23 4.15 12.51
N PHE B 86 -0.79 3.75 11.31
CA PHE B 86 0.47 4.19 10.77
C PHE B 86 0.48 5.73 10.61
N LEU B 87 -0.60 6.28 10.04
CA LEU B 87 -0.68 7.71 9.78
C LEU B 87 -0.74 8.52 11.09
N VAL B 88 -1.48 8.03 12.11
CA VAL B 88 -1.56 8.70 13.41
C VAL B 88 -0.17 8.68 14.05
N ALA B 89 0.54 7.54 14.02
CA ALA B 89 1.89 7.47 14.61
C ALA B 89 2.85 8.41 13.86
N ASP B 90 2.68 8.57 12.53
CA ASP B 90 3.54 9.48 11.76
C ASP B 90 3.21 10.94 12.08
N PHE B 91 1.91 11.30 12.25
CA PHE B 91 1.51 12.65 12.69
C PHE B 91 2.14 12.95 14.06
N ARG B 92 2.06 11.98 15.02
CA ARG B 92 2.63 12.18 16.35
C ARG B 92 4.16 12.27 16.30
N ARG B 93 4.83 11.50 15.42
CA ARG B 93 6.29 11.59 15.22
C ARG B 93 6.68 13.05 14.82
N ARG B 94 5.79 13.77 14.10
CA ARG B 94 6.00 15.18 13.73
C ARG B 94 5.30 16.18 14.65
N GLY B 95 4.88 15.75 15.84
CA GLY B 95 4.28 16.61 16.85
C GLY B 95 2.94 17.22 16.49
N VAL B 96 2.17 16.58 15.59
CA VAL B 96 0.87 17.14 15.17
C VAL B 96 -0.23 16.60 16.09
N ASP B 97 -1.14 17.49 16.52
CA ASP B 97 -2.28 17.13 17.37
C ASP B 97 -3.35 16.52 16.45
N VAL B 98 -3.78 15.29 16.72
CA VAL B 98 -4.80 14.58 15.90
C VAL B 98 -6.15 14.42 16.63
N SER B 99 -6.39 15.19 17.70
CA SER B 99 -7.64 15.07 18.46
C SER B 99 -8.91 15.50 17.68
N GLN B 100 -8.78 16.32 16.60
CA GLN B 100 -9.96 16.72 15.80
C GLN B 100 -10.23 15.82 14.61
N VAL B 101 -9.51 14.70 14.45
CA VAL B 101 -9.77 13.78 13.32
C VAL B 101 -11.26 13.29 13.35
N ALA B 102 -11.92 13.31 12.18
CA ALA B 102 -13.31 12.86 12.02
C ALA B 102 -13.26 11.37 11.71
N TRP B 103 -13.40 10.54 12.73
CA TRP B 103 -13.37 9.09 12.57
C TRP B 103 -14.68 8.62 11.92
N GLN B 104 -14.57 7.89 10.81
CA GLN B 104 -15.69 7.42 10.02
C GLN B 104 -15.97 5.95 10.26
N SER B 105 -17.25 5.55 10.25
CA SER B 105 -17.65 4.15 10.41
C SER B 105 -17.70 3.40 9.05
N LYS B 106 -17.67 4.11 7.91
CA LYS B 106 -17.68 3.48 6.59
C LYS B 106 -16.52 4.00 5.74
N GLY B 107 -16.05 3.17 4.81
CA GLY B 107 -14.98 3.53 3.89
C GLY B 107 -13.60 3.19 4.39
N ASP B 108 -12.62 3.32 3.48
CA ASP B 108 -11.21 3.01 3.76
C ASP B 108 -10.44 4.29 4.01
N THR B 109 -9.42 4.23 4.89
CA THR B 109 -8.49 5.37 5.06
C THR B 109 -7.70 5.48 3.74
N PRO B 110 -7.60 6.64 3.08
CA PRO B 110 -6.96 6.68 1.76
C PRO B 110 -5.56 6.11 1.73
N SER B 111 -5.26 5.36 0.67
CA SER B 111 -3.94 4.79 0.46
C SER B 111 -3.65 4.78 -1.05
N SER B 112 -2.47 5.24 -1.46
CA SER B 112 -2.07 5.32 -2.87
C SER B 112 -0.81 4.52 -3.12
N CYS B 113 -0.64 4.03 -4.34
CA CYS B 113 0.51 3.25 -4.71
C CYS B 113 1.23 4.05 -5.79
N CYS B 114 2.49 4.43 -5.56
CA CYS B 114 3.29 5.18 -6.55
C CYS B 114 4.48 4.33 -6.97
N ILE B 115 4.61 4.05 -8.27
CA ILE B 115 5.69 3.27 -8.82
C ILE B 115 6.61 4.26 -9.54
N ILE B 116 7.86 4.36 -9.12
CA ILE B 116 8.84 5.27 -9.72
C ILE B 116 9.83 4.42 -10.50
N ASN B 117 9.98 4.69 -11.79
CA ASN B 117 10.90 3.98 -12.65
C ASN B 117 12.27 4.64 -12.48
N ASN B 118 13.24 3.95 -11.89
CA ASN B 118 14.58 4.49 -11.67
C ASN B 118 15.37 4.79 -12.96
N SER B 119 14.99 4.18 -14.09
CA SER B 119 15.69 4.41 -15.37
C SER B 119 15.30 5.73 -16.06
N ASN B 120 14.14 6.34 -15.73
CA ASN B 120 13.74 7.60 -16.36
C ASN B 120 12.95 8.58 -15.44
N GLY B 121 12.82 8.24 -14.16
CA GLY B 121 12.09 9.08 -13.22
C GLY B 121 10.57 9.12 -13.37
N ASN B 122 10.00 8.39 -14.37
CA ASN B 122 8.54 8.39 -14.55
C ASN B 122 7.84 7.86 -13.29
N ARG B 123 6.76 8.53 -12.88
CA ARG B 123 5.97 8.17 -11.72
C ARG B 123 4.60 7.70 -12.23
N THR B 124 4.14 6.51 -11.79
CA THR B 124 2.83 5.97 -12.15
C THR B 124 2.07 5.84 -10.84
N ILE B 125 0.88 6.44 -10.75
CA ILE B 125 0.13 6.49 -9.50
C ILE B 125 -1.21 5.79 -9.61
N VAL B 126 -1.52 4.93 -8.63
CA VAL B 126 -2.84 4.34 -8.45
C VAL B 126 -3.36 5.06 -7.20
N LEU B 127 -4.22 6.05 -7.44
CA LEU B 127 -4.77 6.93 -6.41
C LEU B 127 -5.79 6.24 -5.53
N HIS B 128 -5.87 6.70 -4.29
CA HIS B 128 -6.81 6.19 -3.29
C HIS B 128 -8.26 6.19 -3.78
N ASP B 129 -9.06 5.26 -3.27
CA ASP B 129 -10.47 5.19 -3.62
C ASP B 129 -11.26 6.36 -2.94
N THR B 130 -12.50 6.63 -3.36
CA THR B 130 -13.30 7.72 -2.80
C THR B 130 -14.34 7.23 -1.78
N SER B 131 -14.16 6.04 -1.18
CA SER B 131 -15.15 5.51 -0.24
C SER B 131 -15.28 6.29 1.06
N LEU B 132 -14.21 6.94 1.55
CA LEU B 132 -14.27 7.57 2.85
C LEU B 132 -14.97 8.93 2.81
N PRO B 133 -16.03 9.18 3.62
CA PRO B 133 -16.64 10.51 3.56
C PRO B 133 -15.67 11.63 3.95
N ASP B 134 -15.78 12.77 3.26
CA ASP B 134 -15.00 13.95 3.59
C ASP B 134 -15.53 14.56 4.89
N VAL B 135 -14.75 15.48 5.51
CA VAL B 135 -15.19 16.16 6.74
C VAL B 135 -16.42 17.00 6.38
N SER B 136 -17.54 16.81 7.09
CA SER B 136 -18.77 17.54 6.78
C SER B 136 -18.92 18.79 7.64
N ALA B 137 -19.86 19.68 7.27
CA ALA B 137 -20.17 20.85 8.08
C ALA B 137 -20.70 20.44 9.46
N THR B 138 -21.42 19.31 9.57
CA THR B 138 -21.93 18.84 10.87
C THR B 138 -20.75 18.35 11.73
N ASP B 139 -19.74 17.69 11.15
CA ASP B 139 -18.53 17.29 11.87
C ASP B 139 -17.81 18.57 12.38
N PHE B 140 -17.69 19.62 11.54
CA PHE B 140 -17.01 20.86 11.93
C PHE B 140 -17.77 21.62 13.03
N GLU B 141 -19.12 21.59 13.01
CA GLU B 141 -19.95 22.24 14.03
C GLU B 141 -19.58 21.78 15.44
N LYS B 142 -19.14 20.53 15.59
CA LYS B 142 -18.79 19.93 16.89
C LYS B 142 -17.42 20.38 17.43
N VAL B 143 -16.63 21.15 16.66
CA VAL B 143 -15.28 21.57 17.05
C VAL B 143 -15.34 22.86 17.87
N ASP B 144 -14.76 22.84 19.09
CA ASP B 144 -14.64 24.05 19.89
C ASP B 144 -13.52 24.87 19.22
N LEU B 145 -13.87 26.05 18.70
CA LEU B 145 -12.94 26.91 17.97
C LEU B 145 -11.98 27.76 18.83
N THR B 146 -12.25 27.91 20.13
CA THR B 146 -11.45 28.81 21.01
C THR B 146 -9.97 28.47 21.02
N GLN B 147 -9.65 27.19 20.87
CA GLN B 147 -8.30 26.61 20.77
C GLN B 147 -7.42 27.21 19.64
N PHE B 148 -8.05 27.67 18.56
CA PHE B 148 -7.32 28.07 17.36
C PHE B 148 -7.17 29.57 17.12
N LYS B 149 -6.00 29.94 16.62
CA LYS B 149 -5.72 31.30 16.19
C LYS B 149 -5.82 31.41 14.63
N TRP B 150 -5.69 30.27 13.90
CA TRP B 150 -5.72 30.27 12.45
C TRP B 150 -6.31 28.94 11.99
N ILE B 151 -7.18 28.97 10.98
CA ILE B 151 -7.74 27.77 10.40
C ILE B 151 -7.50 27.83 8.90
N HIS B 152 -6.78 26.83 8.37
CA HIS B 152 -6.46 26.70 6.96
C HIS B 152 -7.28 25.55 6.39
N ILE B 153 -7.99 25.77 5.28
CA ILE B 153 -8.81 24.74 4.67
C ILE B 153 -8.31 24.39 3.25
N GLU B 154 -7.97 23.12 3.03
CA GLU B 154 -7.60 22.60 1.71
C GLU B 154 -8.94 22.39 0.97
N GLY B 155 -9.16 23.10 -0.12
CA GLY B 155 -10.40 22.98 -0.89
C GLY B 155 -10.62 21.58 -1.43
N ARG B 156 -11.73 20.94 -1.01
CA ARG B 156 -12.08 19.56 -1.38
C ARG B 156 -13.61 19.47 -1.67
N ASN B 157 -14.49 19.37 -0.64
CA ASN B 157 -15.95 19.28 -0.76
C ASN B 157 -16.47 20.69 -0.47
N ALA B 158 -16.37 21.54 -1.48
CA ALA B 158 -16.60 22.98 -1.36
C ALA B 158 -17.93 23.42 -0.73
N SER B 159 -19.07 22.84 -1.13
CA SER B 159 -20.36 23.26 -0.56
C SER B 159 -20.41 23.04 0.97
N GLU B 160 -19.80 21.96 1.48
CA GLU B 160 -19.73 21.73 2.94
C GLU B 160 -18.71 22.67 3.59
N GLN B 161 -17.56 22.89 2.96
CA GLN B 161 -16.50 23.76 3.49
C GLN B 161 -16.95 25.23 3.55
N VAL B 162 -17.84 25.67 2.64
CA VAL B 162 -18.41 27.03 2.68
C VAL B 162 -19.20 27.20 4.01
N LYS B 163 -19.94 26.17 4.45
CA LYS B 163 -20.68 26.24 5.72
C LYS B 163 -19.69 26.29 6.92
N MET B 164 -18.54 25.60 6.83
CA MET B 164 -17.50 25.63 7.88
C MET B 164 -16.95 27.07 7.97
N LEU B 165 -16.69 27.69 6.82
CA LEU B 165 -16.17 29.04 6.75
C LEU B 165 -17.18 30.06 7.25
N GLN B 166 -18.46 29.86 6.96
CA GLN B 166 -19.54 30.71 7.49
C GLN B 166 -19.62 30.58 9.03
N ARG B 167 -19.42 29.37 9.57
CA ARG B 167 -19.40 29.18 11.03
C ARG B 167 -18.22 29.97 11.66
N ILE B 168 -17.04 29.95 11.02
CA ILE B 168 -15.90 30.70 11.54
C ILE B 168 -16.19 32.20 11.47
N ASP B 169 -16.76 32.68 10.35
CA ASP B 169 -17.13 34.10 10.20
C ASP B 169 -18.11 34.53 11.32
N ALA B 170 -19.12 33.69 11.62
CA ALA B 170 -20.10 33.98 12.68
C ALA B 170 -19.41 34.06 14.05
N HIS B 171 -18.47 33.12 14.31
CA HIS B 171 -17.68 33.13 15.54
C HIS B 171 -16.90 34.46 15.68
N ASN B 172 -16.25 34.90 14.60
CA ASN B 172 -15.46 36.13 14.61
C ASN B 172 -16.27 37.40 14.85
N THR B 173 -17.54 37.47 14.43
CA THR B 173 -18.37 38.68 14.67
C THR B 173 -18.54 38.98 16.17
N ARG B 174 -18.47 37.95 17.03
CA ARG B 174 -18.63 38.13 18.48
C ARG B 174 -17.28 38.25 19.22
N GLN B 175 -16.14 38.46 18.52
CA GLN B 175 -14.84 38.51 19.19
C GLN B 175 -14.16 39.85 18.98
N PRO B 176 -13.38 40.38 19.97
CA PRO B 176 -12.61 41.61 19.67
C PRO B 176 -11.51 41.34 18.62
N PRO B 177 -10.97 42.36 17.90
CA PRO B 177 -9.94 42.06 16.87
C PRO B 177 -8.80 41.12 17.27
N GLU B 178 -8.35 41.18 18.54
CA GLU B 178 -7.26 40.33 19.03
C GLU B 178 -7.60 38.83 19.12
N GLN B 179 -8.89 38.47 19.33
CA GLN B 179 -9.32 37.08 19.43
C GLN B 179 -10.04 36.58 18.16
N LYS B 180 -9.93 37.29 17.02
CA LYS B 180 -10.52 36.81 15.77
C LYS B 180 -9.62 35.70 15.20
N ILE B 181 -10.23 34.65 14.67
CA ILE B 181 -9.51 33.53 14.09
C ILE B 181 -9.23 33.90 12.63
N ARG B 182 -7.96 33.90 12.23
CA ARG B 182 -7.62 34.18 10.84
C ARG B 182 -7.85 32.92 10.02
N VAL B 183 -8.26 33.11 8.76
CA VAL B 183 -8.63 31.99 7.90
C VAL B 183 -7.90 32.02 6.57
N SER B 184 -7.44 30.85 6.12
CA SER B 184 -6.87 30.72 4.78
C SER B 184 -7.51 29.53 4.08
N VAL B 185 -7.57 29.60 2.74
CA VAL B 185 -8.12 28.54 1.91
C VAL B 185 -7.11 28.27 0.79
N GLU B 186 -7.08 27.02 0.31
CA GLU B 186 -6.24 26.67 -0.83
C GLU B 186 -7.14 26.11 -1.92
N VAL B 187 -7.02 26.64 -3.14
CA VAL B 187 -7.72 26.14 -4.33
C VAL B 187 -6.57 25.56 -5.16
N GLU B 188 -6.32 24.26 -5.00
CA GLU B 188 -5.18 23.59 -5.62
C GLU B 188 -5.52 22.78 -6.87
N LYS B 189 -6.75 22.29 -6.99
CA LYS B 189 -7.15 21.47 -8.13
C LYS B 189 -8.03 22.27 -9.09
N PRO B 190 -7.90 22.10 -10.42
CA PRO B 190 -8.78 22.85 -11.34
C PRO B 190 -10.18 22.24 -11.46
N ARG B 191 -10.94 22.24 -10.36
CA ARG B 191 -12.31 21.74 -10.28
C ARG B 191 -13.20 22.94 -10.06
N GLU B 192 -14.18 23.17 -10.96
CA GLU B 192 -15.09 24.32 -10.92
C GLU B 192 -15.79 24.49 -9.56
N GLU B 193 -16.18 23.38 -8.91
CA GLU B 193 -16.85 23.44 -7.60
C GLU B 193 -16.01 24.20 -6.55
N LEU B 194 -14.68 24.14 -6.64
CA LEU B 194 -13.79 24.80 -5.69
C LEU B 194 -13.70 26.29 -5.87
N PHE B 195 -14.08 26.83 -7.04
CA PHE B 195 -13.88 28.25 -7.30
C PHE B 195 -14.76 29.14 -6.42
N GLN B 196 -15.87 28.64 -5.87
CA GLN B 196 -16.65 29.41 -4.90
C GLN B 196 -15.83 29.71 -3.61
N LEU B 197 -14.78 28.89 -3.31
CA LEU B 197 -13.95 29.12 -2.12
C LEU B 197 -13.08 30.36 -2.20
N PHE B 198 -12.85 30.93 -3.41
CA PHE B 198 -12.09 32.18 -3.54
C PHE B 198 -12.70 33.31 -2.71
N GLY B 199 -14.04 33.33 -2.58
CA GLY B 199 -14.75 34.36 -1.84
C GLY B 199 -14.71 34.24 -0.32
N TYR B 200 -13.90 33.33 0.24
CA TYR B 200 -13.81 33.13 1.68
C TYR B 200 -12.35 33.18 2.13
N GLY B 201 -12.14 33.53 3.39
CA GLY B 201 -10.81 33.60 3.98
C GLY B 201 -10.09 34.93 3.83
N ASP B 202 -9.21 35.21 4.78
CA ASP B 202 -8.33 36.39 4.77
C ASP B 202 -7.18 36.19 3.76
N VAL B 203 -6.72 34.95 3.56
CA VAL B 203 -5.64 34.62 2.63
C VAL B 203 -6.14 33.49 1.75
N VAL B 204 -5.99 33.63 0.43
CA VAL B 204 -6.41 32.62 -0.53
C VAL B 204 -5.18 32.22 -1.32
N PHE B 205 -4.84 30.93 -1.30
CA PHE B 205 -3.74 30.41 -2.08
C PHE B 205 -4.34 29.75 -3.34
N VAL B 206 -3.82 30.12 -4.51
CA VAL B 206 -4.26 29.52 -5.76
C VAL B 206 -3.01 28.89 -6.40
N SER B 207 -3.12 27.61 -6.83
CA SER B 207 -1.96 26.94 -7.41
C SER B 207 -1.69 27.39 -8.85
N LYS B 208 -0.43 27.20 -9.28
CA LYS B 208 -0.01 27.45 -10.67
C LYS B 208 -0.88 26.61 -11.64
N ASP B 209 -1.17 25.33 -11.27
CA ASP B 209 -1.99 24.44 -12.11
C ASP B 209 -3.39 25.01 -12.34
N VAL B 210 -4.04 25.55 -11.27
CA VAL B 210 -5.36 26.19 -11.39
C VAL B 210 -5.26 27.41 -12.29
N ALA B 211 -4.27 28.28 -12.02
CA ALA B 211 -4.06 29.49 -12.82
C ALA B 211 -3.89 29.16 -14.33
N LYS B 212 -3.07 28.16 -14.67
CA LYS B 212 -2.85 27.79 -16.07
C LYS B 212 -4.12 27.21 -16.70
N HIS B 213 -4.89 26.40 -15.93
CA HIS B 213 -6.16 25.86 -16.45
C HIS B 213 -7.19 26.97 -16.70
N LEU B 214 -7.12 28.10 -15.97
CA LEU B 214 -8.01 29.24 -16.24
C LEU B 214 -7.43 30.25 -17.28
N GLY B 215 -6.38 29.85 -18.01
CA GLY B 215 -5.78 30.67 -19.05
C GLY B 215 -4.70 31.66 -18.66
N PHE B 216 -4.25 31.69 -17.39
CA PHE B 216 -3.22 32.64 -16.97
C PHE B 216 -1.82 32.02 -17.11
N GLN B 217 -0.88 32.77 -17.70
CA GLN B 217 0.48 32.33 -18.01
C GLN B 217 1.55 32.77 -17.01
N SER B 218 1.17 33.50 -15.96
CA SER B 218 2.12 33.94 -14.95
C SER B 218 1.38 34.19 -13.62
N ALA B 219 2.12 34.31 -12.50
CA ALA B 219 1.49 34.60 -11.22
C ALA B 219 0.88 36.02 -11.25
N GLU B 220 1.53 36.99 -11.92
CA GLU B 220 1.01 38.35 -12.06
C GLU B 220 -0.35 38.30 -12.80
N GLU B 221 -0.43 37.58 -13.93
CA GLU B 221 -1.67 37.47 -14.68
C GLU B 221 -2.77 36.81 -13.83
N ALA B 222 -2.43 35.73 -13.12
CA ALA B 222 -3.39 35.02 -12.29
C ALA B 222 -3.96 35.91 -11.18
N LEU B 223 -3.10 36.66 -10.47
CA LEU B 223 -3.57 37.49 -9.37
C LEU B 223 -4.45 38.64 -9.86
N ARG B 224 -4.04 39.33 -10.96
CA ARG B 224 -4.86 40.41 -11.49
C ARG B 224 -6.17 39.89 -12.07
N GLY B 225 -6.14 38.72 -12.72
CA GLY B 225 -7.34 38.14 -13.30
C GLY B 225 -8.31 37.52 -12.31
N LEU B 226 -7.83 37.09 -11.12
CA LEU B 226 -8.69 36.42 -10.12
C LEU B 226 -8.98 37.23 -8.86
N TYR B 227 -8.34 38.40 -8.67
CA TYR B 227 -8.59 39.17 -7.44
C TYR B 227 -10.05 39.56 -7.26
N GLY B 228 -10.76 39.87 -8.35
CA GLY B 228 -12.19 40.19 -8.30
C GLY B 228 -13.05 39.13 -7.61
N ARG B 229 -12.54 37.88 -7.47
CA ARG B 229 -13.28 36.78 -6.83
C ARG B 229 -13.13 36.71 -5.30
N VAL B 230 -12.10 37.35 -4.72
CA VAL B 230 -11.87 37.24 -3.26
C VAL B 230 -12.77 38.20 -2.48
N ARG B 231 -12.99 37.92 -1.17
CA ARG B 231 -13.81 38.82 -0.36
C ARG B 231 -13.03 40.11 -0.06
N LYS B 232 -13.75 41.17 0.32
CA LYS B 232 -13.18 42.47 0.64
C LYS B 232 -12.12 42.37 1.72
N GLY B 233 -10.94 42.90 1.46
CA GLY B 233 -9.83 42.86 2.40
C GLY B 233 -8.89 41.67 2.27
N ALA B 234 -9.25 40.63 1.50
CA ALA B 234 -8.42 39.42 1.39
C ALA B 234 -7.12 39.58 0.59
N VAL B 235 -6.13 38.70 0.84
CA VAL B 235 -4.86 38.66 0.14
C VAL B 235 -4.86 37.37 -0.70
N LEU B 236 -4.61 37.49 -2.02
CA LEU B 236 -4.56 36.35 -2.91
C LEU B 236 -3.08 36.06 -3.17
N VAL B 237 -2.67 34.80 -3.05
CA VAL B 237 -1.26 34.38 -3.15
C VAL B 237 -1.11 33.31 -4.23
N CYS B 238 -0.06 33.42 -5.06
CA CYS B 238 0.20 32.45 -6.10
C CYS B 238 1.69 32.23 -6.25
N ALA B 239 2.14 31.01 -5.93
CA ALA B 239 3.53 30.59 -6.09
C ALA B 239 3.68 30.01 -7.52
N TRP B 240 4.84 30.20 -8.12
CA TRP B 240 5.08 29.76 -9.48
C TRP B 240 6.46 29.11 -9.63
N ALA B 241 6.69 28.07 -8.81
CA ALA B 241 7.90 27.24 -8.85
C ALA B 241 9.23 28.12 -8.88
N GLU B 242 10.22 27.92 -9.80
CA GLU B 242 11.45 28.70 -9.91
C GLU B 242 11.22 30.18 -10.15
N GLU B 243 10.01 30.62 -10.57
CA GLU B 243 9.74 32.04 -10.77
C GLU B 243 9.34 32.78 -9.45
N GLY B 244 9.38 32.09 -8.31
CA GLY B 244 9.08 32.69 -7.03
C GLY B 244 7.61 32.74 -6.74
N ALA B 245 7.14 33.79 -6.06
CA ALA B 245 5.74 33.88 -5.70
C ALA B 245 5.29 35.30 -5.60
N ASP B 246 3.98 35.51 -5.83
CA ASP B 246 3.37 36.83 -5.78
C ASP B 246 2.19 36.83 -4.80
N ALA B 247 1.83 38.03 -4.32
CA ALA B 247 0.66 38.24 -3.48
C ALA B 247 0.02 39.57 -3.88
N LEU B 248 -1.29 39.67 -3.71
CA LEU B 248 -2.02 40.89 -4.06
C LEU B 248 -3.11 41.08 -3.02
N GLY B 249 -3.07 42.23 -2.36
CA GLY B 249 -4.02 42.60 -1.30
C GLY B 249 -4.95 43.73 -1.70
N PRO B 250 -5.78 44.22 -0.75
CA PRO B 250 -6.76 45.27 -1.09
C PRO B 250 -6.17 46.60 -1.57
N ASP B 251 -4.91 46.93 -1.24
CA ASP B 251 -4.28 48.17 -1.73
C ASP B 251 -3.91 48.11 -3.24
N GLY B 252 -4.12 46.97 -3.90
CA GLY B 252 -3.85 46.83 -5.33
C GLY B 252 -2.38 46.74 -5.72
N LYS B 253 -1.46 46.65 -4.74
CA LYS B 253 -0.04 46.59 -5.05
C LYS B 253 0.41 45.13 -5.19
N LEU B 254 0.94 44.76 -6.36
CA LEU B 254 1.42 43.41 -6.57
C LEU B 254 2.72 43.26 -5.82
N LEU B 255 2.82 42.22 -4.96
CA LEU B 255 4.04 41.94 -4.20
C LEU B 255 4.69 40.71 -4.78
N HIS B 256 6.01 40.68 -4.80
CA HIS B 256 6.75 39.58 -5.40
C HIS B 256 7.95 39.25 -4.53
N SER B 257 8.29 37.95 -4.51
CA SER B 257 9.53 37.47 -3.98
C SER B 257 10.12 36.53 -5.04
N ASP B 258 11.42 36.68 -5.30
CA ASP B 258 12.13 35.72 -6.15
C ASP B 258 12.22 34.39 -5.36
N ALA B 259 12.43 33.30 -6.08
CA ALA B 259 12.64 32.00 -5.47
C ALA B 259 14.04 31.96 -4.82
N PHE B 260 14.25 31.01 -3.89
CA PHE B 260 15.53 30.78 -3.22
C PHE B 260 15.91 29.33 -3.62
N PRO B 261 16.30 29.09 -4.89
CA PRO B 261 16.55 27.70 -5.31
C PRO B 261 17.71 27.03 -4.60
N PRO B 262 17.61 25.71 -4.33
CA PRO B 262 18.72 25.05 -3.66
C PRO B 262 19.91 24.82 -4.61
N PRO B 263 21.15 24.55 -4.12
CA PRO B 263 22.26 24.23 -5.06
C PRO B 263 21.93 23.09 -6.01
N ARG B 264 21.15 22.08 -5.54
CA ARG B 264 20.69 20.96 -6.36
C ARG B 264 19.24 20.65 -5.97
N VAL B 265 18.35 20.54 -6.96
CA VAL B 265 16.95 20.20 -6.72
C VAL B 265 16.89 18.66 -6.57
N VAL B 266 16.40 18.14 -5.43
CA VAL B 266 16.36 16.68 -5.18
C VAL B 266 14.91 16.16 -4.94
N ASP B 267 13.99 16.99 -4.39
CA ASP B 267 12.62 16.55 -4.10
C ASP B 267 11.67 17.76 -3.95
N THR B 268 10.80 18.00 -4.94
CA THR B 268 9.84 19.11 -4.85
C THR B 268 8.46 18.66 -4.36
N LEU B 269 8.26 17.37 -4.02
CA LEU B 269 6.95 16.92 -3.56
C LEU B 269 6.67 17.54 -2.18
N GLY B 270 5.55 18.25 -2.07
CA GLY B 270 5.21 18.95 -0.84
C GLY B 270 5.81 20.35 -0.78
N ALA B 271 6.47 20.86 -1.86
CA ALA B 271 7.01 22.22 -1.86
C ALA B 271 5.89 23.26 -1.73
N GLY B 272 4.77 23.03 -2.41
CA GLY B 272 3.61 23.94 -2.34
C GLY B 272 3.01 23.98 -0.93
N ASP B 273 2.94 22.82 -0.27
CA ASP B 273 2.44 22.72 1.11
C ASP B 273 3.42 23.39 2.09
N THR B 274 4.72 23.30 1.81
CA THR B 274 5.75 23.94 2.62
C THR B 274 5.63 25.46 2.48
N PHE B 275 5.46 25.95 1.23
CA PHE B 275 5.28 27.37 0.96
C PHE B 275 4.03 27.87 1.72
N ASN B 276 2.87 27.18 1.57
CA ASN B 276 1.62 27.60 2.24
C ASN B 276 1.76 27.66 3.74
N ALA B 277 2.31 26.61 4.35
CA ALA B 277 2.49 26.56 5.80
C ALA B 277 3.42 27.68 6.28
N SER B 278 4.48 27.97 5.51
CA SER B 278 5.46 29.00 5.89
C SER B 278 4.86 30.42 5.79
N VAL B 279 4.02 30.68 4.76
CA VAL B 279 3.32 31.97 4.62
C VAL B 279 2.34 32.15 5.78
N ILE B 280 1.55 31.10 6.06
CA ILE B 280 0.60 31.12 7.18
C ILE B 280 1.35 31.39 8.49
N PHE B 281 2.45 30.67 8.74
CA PHE B 281 3.21 30.83 9.97
C PHE B 281 3.70 32.27 10.14
N SER B 282 4.34 32.81 9.09
CA SER B 282 4.87 34.18 9.12
C SER B 282 3.74 35.21 9.37
N LEU B 283 2.61 35.09 8.67
CA LEU B 283 1.48 36.00 8.90
C LEU B 283 0.89 35.82 10.33
N SER B 284 0.77 34.58 10.81
CA SER B 284 0.26 34.33 12.18
C SER B 284 1.19 34.93 13.25
N GLN B 285 2.49 35.10 12.94
CA GLN B 285 3.46 35.73 13.83
C GLN B 285 3.43 37.28 13.76
N GLY B 286 2.52 37.87 12.97
CA GLY B 286 2.40 39.32 12.83
C GLY B 286 3.29 39.96 11.78
N ARG B 287 3.91 39.15 10.88
CA ARG B 287 4.78 39.71 9.85
C ARG B 287 3.95 40.26 8.68
N SER B 288 4.54 41.17 7.89
CA SER B 288 3.86 41.75 6.74
C SER B 288 3.68 40.68 5.64
N VAL B 289 2.81 40.94 4.66
CA VAL B 289 2.60 40.04 3.52
C VAL B 289 3.92 39.92 2.73
N GLN B 290 4.67 41.03 2.51
CA GLN B 290 5.95 40.96 1.79
C GLN B 290 6.93 40.04 2.53
N GLU B 291 7.04 40.19 3.85
CA GLU B 291 7.93 39.34 4.65
C GLU B 291 7.47 37.85 4.60
N ALA B 292 6.16 37.59 4.69
CA ALA B 292 5.64 36.22 4.66
C ALA B 292 5.90 35.55 3.31
N LEU B 293 5.78 36.34 2.23
CA LEU B 293 6.01 35.85 0.86
C LEU B 293 7.48 35.43 0.70
N ARG B 294 8.41 36.27 1.19
CA ARG B 294 9.84 35.96 1.15
C ARG B 294 10.13 34.71 1.99
N PHE B 295 9.57 34.64 3.21
CA PHE B 295 9.79 33.50 4.10
C PHE B 295 9.28 32.21 3.47
N GLY B 296 8.11 32.26 2.82
CA GLY B 296 7.55 31.09 2.12
C GLY B 296 8.48 30.59 1.03
N CYS B 297 9.05 31.51 0.22
CA CYS B 297 10.00 31.13 -0.82
C CYS B 297 11.29 30.58 -0.19
N GLN B 298 11.77 31.20 0.89
CA GLN B 298 13.00 30.72 1.56
C GLN B 298 12.86 29.27 2.06
N VAL B 299 11.76 28.95 2.79
CA VAL B 299 11.59 27.60 3.34
C VAL B 299 11.29 26.57 2.26
N ALA B 300 10.39 26.89 1.31
CA ALA B 300 10.06 25.94 0.24
C ALA B 300 11.27 25.69 -0.68
N GLY B 301 12.08 26.72 -0.93
CA GLY B 301 13.29 26.58 -1.75
C GLY B 301 14.29 25.66 -1.08
N LYS B 302 14.47 25.84 0.23
CA LYS B 302 15.34 24.97 1.04
C LYS B 302 14.82 23.52 1.00
N LYS B 303 13.48 23.33 1.13
CA LYS B 303 12.89 22.00 1.07
C LYS B 303 13.19 21.29 -0.25
N CYS B 304 13.13 22.00 -1.37
CA CYS B 304 13.39 21.42 -2.69
C CYS B 304 14.78 20.75 -2.79
N GLY B 305 15.74 21.17 -1.96
CA GLY B 305 17.07 20.57 -1.93
C GLY B 305 17.21 19.42 -0.93
N LEU B 306 16.12 18.98 -0.31
CA LEU B 306 16.14 17.94 0.71
C LEU B 306 15.11 16.88 0.42
N GLN B 307 15.38 15.64 0.85
CA GLN B 307 14.42 14.57 0.71
C GLN B 307 13.48 14.71 1.92
N GLY B 308 12.18 14.83 1.68
CA GLY B 308 11.21 14.98 2.75
C GLY B 308 11.27 16.33 3.42
N PHE B 309 10.87 16.41 4.71
CA PHE B 309 10.83 17.67 5.45
C PHE B 309 11.92 17.82 6.53
N ASP B 310 12.73 16.78 6.83
CA ASP B 310 13.82 16.92 7.81
C ASP B 310 14.82 17.98 7.34
N GLY B 311 15.25 18.87 8.24
CA GLY B 311 16.26 19.87 7.93
C GLY B 311 15.76 21.15 7.26
N ILE B 312 14.44 21.28 7.01
CA ILE B 312 13.91 22.51 6.40
C ILE B 312 14.11 23.75 7.31
N VAL B 313 14.25 23.55 8.65
CA VAL B 313 14.44 24.56 9.71
C VAL B 313 13.16 25.41 9.88
S SO4 C . -0.50 -16.68 -7.75
O1 SO4 C . -0.43 -17.63 -6.62
O2 SO4 C . 0.69 -16.84 -8.59
O3 SO4 C . -1.64 -17.06 -8.63
O4 SO4 C . -0.64 -15.26 -7.34
N1 A1ICK D . -5.12 -16.25 -14.78
N3 A1ICK D . -6.16 -20.41 -13.01
C7 A1ICK D . -6.04 -17.27 -14.71
C8 A1ICK D . -8.74 -20.41 -14.10
C10 A1ICK D . -9.52 -18.23 -15.90
C13 A1ICK D . -8.18 -18.25 -15.21
C15 A1ICK D . -0.83 -15.40 -13.93
C17 A1ICK D . -3.93 -16.20 -13.92
C20 A1ICK D . -3.27 -14.87 -14.23
C21 A1ICK D . -4.98 -20.74 -12.32
C22 A1ICK D . -4.85 -22.02 -11.76
C24 A1ICK D . -2.61 -21.50 -11.10
C26 A1ICK D . -3.90 -19.85 -12.24
C28 A1ICK D . -5.85 -24.08 -13.35
C11 A1ICK D . -7.26 -17.23 -15.38
C12 A1ICK D . -7.84 -19.32 -14.35
C14 A1ICK D . -5.27 -15.07 -15.62
C16 A1ICK D . -1.85 -15.87 -16.11
C18 A1ICK D . -4.29 -14.06 -15.02
C23 A1ICK D . -3.66 -22.40 -11.16
C25 A1ICK D . -2.72 -20.23 -11.63
C29 A1ICK D . -1.61 -19.22 -11.45
C30 A1ICK D . -0.32 -19.53 -12.22
C31 A1ICK D . -0.60 -19.74 -13.72
C32 A1ICK D . 0.71 -18.42 -12.07
C9 A1ICK D . -6.58 -19.31 -13.71
F5 A1ICK D . -10.53 -18.22 -14.99
F6 A1ICK D . -9.69 -19.33 -16.66
N19 A1ICK D . -1.90 -14.99 -14.88
N2 A1ICK D . -9.42 -21.28 -13.84
N4 A1ICK D . -5.73 -18.29 -13.90
O33 A1ICK D . -0.18 -20.82 -14.22
O34 A1ICK D . -1.23 -18.85 -14.32
S27 A1ICK D . -6.22 -23.14 -11.88
H3 A1ICK D . -6.80 -21.19 -12.96
H10 A1ICK D . -9.61 -17.36 -16.57
H15C A1ICK D . -1.03 -16.43 -13.64
H15A A1ICK D . -0.83 -14.74 -13.06
H15B A1ICK D . 0.13 -15.35 -14.44
H17A A1ICK D . -3.27 -17.07 -14.05
H17B A1ICK D . -4.26 -16.23 -12.89
H20 A1ICK D . -3.12 -14.33 -13.30
H24 A1ICK D . -1.68 -21.83 -10.65
H26 A1ICK D . -3.97 -18.86 -12.66
H28A A1ICK D . -6.66 -24.81 -13.52
H28B A1ICK D . -4.92 -24.63 -13.23
H28C A1ICK D . -5.79 -23.43 -14.22
H11 A1ICK D . -7.50 -16.41 -16.06
H14A A1ICK D . -6.28 -14.66 -15.60
H14B A1ICK D . -5.00 -15.25 -16.67
H16B A1ICK D . -1.75 -16.91 -15.80
H16C A1ICK D . -0.97 -15.60 -16.69
H16A A1ICK D . -2.75 -15.78 -16.71
H18A A1ICK D . -4.84 -13.39 -14.36
H18B A1ICK D . -3.84 -13.45 -15.81
H23 A1ICK D . -3.54 -23.38 -10.72
H29A A1ICK D . -1.37 -19.16 -10.37
H29B A1ICK D . -2.02 -18.23 -11.69
H30 A1ICK D . 0.14 -20.45 -11.83
H32C A1ICK D . 0.24 -17.43 -12.07
H32A A1ICK D . 1.48 -18.45 -12.85
H32B A1ICK D . 1.23 -18.53 -11.11
H19 A1ICK D . -1.66 -14.07 -15.23
S SO4 E . 10.60 12.86 6.05
O1 SO4 E . 10.20 12.32 4.75
O2 SO4 E . 12.02 13.26 6.02
O3 SO4 E . 9.74 14.02 6.32
O4 SO4 E . 10.40 11.82 7.08
S SO4 F . -7.34 13.59 -4.11
O1 SO4 F . -6.09 12.90 -3.74
O2 SO4 F . -7.58 13.45 -5.55
O3 SO4 F . -8.52 13.03 -3.42
O4 SO4 F . -7.17 15.00 -3.71
N1 A1ICK G . 9.46 22.84 -9.04
N3 A1ICK G . 9.38 26.06 -5.66
C7 A1ICK G . 10.18 23.74 -8.27
C8 A1ICK G . 12.14 26.50 -5.81
C10 A1ICK G . 13.69 25.16 -7.88
C13 A1ICK G . 12.21 24.92 -7.71
C15 A1ICK G . 7.81 19.64 -12.22
C17 A1ICK G . 9.99 22.14 -10.20
C20 A1ICK G . 8.76 21.59 -10.89
C21 A1ICK G . 8.05 26.02 -5.23
C22 A1ICK G . 7.58 27.01 -4.35
C24 A1ICK G . 5.35 26.12 -4.55
C26 A1ICK G . 7.14 25.10 -5.77
C28 A1ICK G . 8.66 29.52 -4.82
C11 A1ICK G . 11.54 23.98 -8.50
C12 A1ICK G . 11.50 25.60 -6.72
C14 A1ICK G . 8.04 22.52 -8.80
C16 A1ICK G . 9.90 20.67 -12.93
C18 A1ICK G . 7.79 21.34 -9.72
C23 A1ICK G . 6.23 27.04 -4.01
C25 A1ICK G . 5.79 25.14 -5.42
C29 A1ICK G . 4.88 24.03 -5.87
C30 A1ICK G . 3.82 24.44 -6.88
C31 A1ICK G . 4.41 25.15 -8.06
C32 A1ICK G . 3.08 23.22 -7.43
C9 A1ICK G . 10.11 25.32 -6.55
F5 A1ICK G . 14.38 24.69 -6.81
F6 A1ICK G . 13.96 26.48 -7.94
N19 A1ICK G . 9.04 20.36 -11.75
N2 A1ICK G . 12.60 27.25 -5.08
N4 A1ICK G . 9.50 24.41 -7.32
O33 A1ICK G . 4.17 26.38 -8.15
O34 A1ICK G . 5.07 24.46 -8.88
S27 A1ICK G . 8.72 28.16 -3.66
H3 A1ICK G . 9.85 26.83 -5.21
H10 A1ICK G . 14.08 24.69 -8.79
H15C A1ICK G . 7.14 20.37 -12.67
H15A A1ICK G . 7.32 19.13 -11.40
H15B A1ICK G . 8.07 18.89 -12.99
H17A A1ICK G . 10.69 21.34 -9.94
H17B A1ICK G . 10.50 22.85 -10.85
H20 A1ICK G . 8.30 22.34 -11.54
H24 A1ICK G . 4.30 26.19 -4.31
H26 A1ICK G . 7.48 24.35 -6.46
H28A A1ICK G . 9.39 30.28 -4.54
H28B A1ICK G . 7.67 29.97 -4.84
H28C A1ICK G . 8.92 29.18 -5.83
H11 A1ICK G . 12.10 23.45 -9.27
H14A A1ICK G . 7.40 23.37 -9.05
H14B A1ICK G . 7.84 22.22 -7.77
H16B A1ICK G . 9.41 21.47 -13.48
H16C A1ICK G . 10.01 19.81 -13.59
H16A A1ICK G . 10.89 21.03 -12.62
H18A A1ICK G . 6.74 21.38 -10.06
H18B A1ICK G . 7.94 20.39 -9.22
H23 A1ICK G . 5.84 27.79 -3.33
H29A A1ICK G . 4.40 23.61 -4.98
H29B A1ICK G . 5.51 23.22 -6.25
H30 A1ICK G . 3.07 25.09 -6.41
H32C A1ICK G . 3.79 22.45 -7.75
H32A A1ICK G . 2.44 23.48 -8.28
H32B A1ICK G . 2.44 22.78 -6.66
H19 A1ICK G . 9.58 19.70 -11.16
#